data_6ZJR
#
_entry.id   6ZJR
#
_cell.length_a   137.427
_cell.length_b   137.427
_cell.length_c   127.253
_cell.angle_alpha   90.000
_cell.angle_beta   90.000
_cell.angle_gamma   120.000
#
_symmetry.space_group_name_H-M   'P 31 2 1'
#
loop_
_entity.id
_entity.type
_entity.pdbx_description
1 polymer Beta-galactosidase
2 branched beta-D-galactopyranose-(1-4)-beta-D-fructofuranose
3 non-polymer 'SODIUM ION'
4 non-polymer 'MALONATE ION'
5 non-polymer 'ACETATE ION'
6 water water
#
_entity_poly.entity_id   1
_entity_poly.type   'polypeptide(L)'
_entity_poly.pdbx_seq_one_letter_code
;EQMSVETPSALADSSPHTAPGSAGRSLELGAADIQDLESFEAGRGALPARAYLQSDAPRLSLNGEWQFRLSPGSRVAPDD
GWQLGEALNGFESLPVPSSWPMHGHGAPAYTNVQFPFAVEPPHVPEANPIGDHLVVFEAGPEFFPHALLRFDGIESAGTV
WLNGVELGTTRGSRLAHEFDVSGILEQGENTLAVRVAQFSAASYVEDQDMWWLPGIFRDVTLQARPAAGIDDVFVHAGYD
HITGEGILKVEASRGGQAIDAVVRVPELALELAAGTEVRVPAVEPWSAEVPKLYEAAVSAAGESVALQIGFRSIAIEDAQ
FKVNGRRILLRGVNRHEHHPRLGRVVPRDVVEAELRLMKQHNINAIRTSHYPPHPQFLALADQLGFYVVLECDLETHGFE
SAGWAQNPSDDPQWEDALVDRMRRTVERDKNHASVVMWSLGNEAGTGRNLAAMSRWTKDRDPSRPIHYEGDWSSEHVDVY
SRMYASQAETALIGQGIEPALNDAALDARRRAMPFVLCQYVHAMGNGPGGMSEYQALFEKYPRLMGGFVWEWLEHGITVS
TADGVDHYGYGGDFGEEVHDGNFVTDGLVDADRRPRPGLLDFKKVIEPLRIDVARDWTGFTLRNGQDFADTSAFSFRYEV
EADGGALDGGTVDVAPVAPQSETVVELPGSVAALAAGLSDGRPAVLTVRAVLGADSAWADAGHEVAWGQSVREPGAPVPP
APVEPVQVQDSELTLGPVVFSRATGMPTSIGGVPVEKLGLTLWWAPTDNDLGREWGGADERPLATQWKDAGLNRLHTRLL
GISANPGQDGGETLTVRTRVSAADKQYGVLVDYTWSTDGETVGLRTQVRRDGTWVNRGFEVEWARIGLEFVLGEETELVS
WFGQGPHQSYPDTGQGARAGWFSLPLAKMDVEYVRPQECGARSGSRSAALQLGGRTLEICGDPFALTVRPYSQDVLDAAA
HRPDLKADGRTYLYVDHALRGVGTAACGPGVLEQYRLKPRDADFILTLKVRS
;
_entity_poly.pdbx_strand_id   A
#
# COMPACT_ATOMS: atom_id res chain seq x y z
N GLY A 24 54.99 -16.19 -9.08
CA GLY A 24 54.42 -16.24 -10.41
C GLY A 24 53.14 -15.44 -10.55
N ARG A 25 52.70 -15.25 -11.80
CA ARG A 25 51.51 -14.45 -12.10
C ARG A 25 50.24 -15.00 -11.47
N SER A 26 49.14 -14.28 -11.66
CA SER A 26 47.83 -14.79 -11.27
C SER A 26 47.48 -16.03 -12.10
N LEU A 27 46.67 -16.91 -11.52
CA LEU A 27 46.19 -18.09 -12.22
C LEU A 27 44.68 -18.23 -12.16
N GLU A 28 43.99 -17.35 -11.44
CA GLU A 28 42.55 -17.43 -11.33
C GLU A 28 41.89 -16.93 -12.61
N LEU A 29 40.66 -17.38 -12.84
CA LEU A 29 39.91 -17.07 -14.04
C LEU A 29 38.94 -15.92 -13.79
N GLY A 30 38.73 -15.11 -14.83
CA GLY A 30 37.69 -14.11 -14.80
C GLY A 30 38.03 -12.86 -14.00
N ALA A 31 39.31 -12.62 -13.71
CA ALA A 31 39.67 -11.45 -12.92
C ALA A 31 39.26 -10.15 -13.60
N ALA A 32 39.25 -10.12 -14.93
CA ALA A 32 38.95 -8.87 -15.61
C ALA A 32 37.46 -8.52 -15.52
N ASP A 33 36.59 -9.47 -15.87
CA ASP A 33 35.17 -9.27 -15.65
C ASP A 33 34.88 -8.83 -14.21
N ILE A 34 35.52 -9.47 -13.24
CA ILE A 34 35.21 -9.17 -11.84
C ILE A 34 35.76 -7.80 -11.45
N GLN A 35 36.96 -7.47 -11.94
CA GLN A 35 37.52 -6.14 -11.71
C GLN A 35 36.56 -5.05 -12.18
N ASP A 36 35.88 -5.26 -13.32
CA ASP A 36 34.90 -4.29 -13.81
C ASP A 36 33.64 -4.26 -12.96
N LEU A 37 33.17 -5.43 -12.51
CA LEU A 37 31.98 -5.45 -11.67
C LEU A 37 32.23 -4.74 -10.34
N GLU A 38 33.47 -4.77 -9.86
CA GLU A 38 33.84 -4.15 -8.60
C GLU A 38 34.22 -2.68 -8.76
N SER A 39 34.05 -2.11 -9.95
CA SER A 39 34.44 -0.73 -10.20
C SER A 39 33.51 0.25 -9.50
N PHE A 40 34.10 1.33 -8.97
CA PHE A 40 33.33 2.42 -8.39
C PHE A 40 32.79 3.39 -9.44
N GLU A 41 33.25 3.32 -10.68
CA GLU A 41 32.83 4.28 -11.67
C GLU A 41 31.38 4.03 -12.06
N ALA A 42 30.76 5.07 -12.61
CA ALA A 42 29.46 4.90 -13.25
C ALA A 42 29.70 4.12 -14.53
N GLY A 43 28.69 4.03 -15.38
CA GLY A 43 28.91 3.40 -16.66
C GLY A 43 30.00 4.12 -17.44
N ARG A 44 30.55 3.41 -18.42
CA ARG A 44 31.44 4.05 -19.39
C ARG A 44 30.80 4.01 -20.77
N GLY A 45 31.15 5.00 -21.59
CA GLY A 45 30.81 4.98 -23.01
C GLY A 45 29.47 5.56 -23.37
N ALA A 46 28.69 6.05 -22.41
CA ALA A 46 27.33 6.46 -22.69
C ALA A 46 27.24 7.95 -23.05
N LEU A 47 26.19 8.28 -23.77
CA LEU A 47 25.89 9.67 -24.09
C LEU A 47 25.43 10.42 -22.84
N PRO A 48 25.48 11.75 -22.88
CA PRO A 48 25.02 12.55 -21.73
C PRO A 48 23.57 12.22 -21.35
N ALA A 49 23.31 12.24 -20.05
CA ALA A 49 21.95 12.01 -19.59
C ALA A 49 21.04 13.14 -20.05
N ARG A 50 19.81 12.78 -20.41
CA ARG A 50 18.89 13.74 -20.99
C ARG A 50 17.47 13.34 -20.59
N ALA A 51 16.52 14.18 -20.98
CA ALA A 51 15.12 13.88 -20.75
C ALA A 51 14.66 12.76 -21.68
N TYR A 52 13.68 12.01 -21.19
CA TYR A 52 12.90 11.11 -22.03
C TYR A 52 11.88 11.93 -22.80
N LEU A 53 12.02 12.00 -24.13
CA LEU A 53 11.26 12.89 -24.99
C LEU A 53 10.50 12.13 -26.07
N GLN A 54 9.26 12.53 -26.33
CA GLN A 54 8.50 12.04 -27.47
C GLN A 54 8.95 12.81 -28.70
N SER A 55 9.55 12.10 -29.67
CA SER A 55 10.13 12.74 -30.84
C SER A 55 9.58 12.13 -32.11
N ASP A 56 9.64 12.91 -33.19
CA ASP A 56 9.29 12.40 -34.51
C ASP A 56 10.45 11.70 -35.19
N ALA A 57 11.57 11.52 -34.49
CA ALA A 57 12.71 10.83 -35.08
C ALA A 57 12.40 9.34 -35.22
N PRO A 58 12.86 8.70 -36.29
CA PRO A 58 12.61 7.26 -36.44
C PRO A 58 13.12 6.47 -35.24
N ARG A 59 12.34 5.46 -34.85
N ARG A 59 12.34 5.47 -34.85
CA ARG A 59 12.71 4.63 -33.73
CA ARG A 59 12.66 4.64 -33.70
C ARG A 59 12.20 3.23 -33.96
C ARG A 59 12.21 3.21 -33.99
N LEU A 60 12.95 2.25 -33.46
CA LEU A 60 12.64 0.83 -33.63
C LEU A 60 12.81 0.15 -32.28
N SER A 61 11.72 -0.38 -31.74
CA SER A 61 11.82 -1.15 -30.51
C SER A 61 12.46 -2.50 -30.79
N LEU A 62 13.49 -2.84 -30.04
CA LEU A 62 14.09 -4.16 -30.12
C LEU A 62 13.46 -5.15 -29.15
N ASN A 63 12.41 -4.74 -28.44
CA ASN A 63 11.70 -5.66 -27.57
C ASN A 63 11.22 -6.87 -28.36
N GLY A 64 11.16 -8.01 -27.71
CA GLY A 64 10.71 -9.23 -28.34
C GLY A 64 11.43 -10.43 -27.75
N GLU A 65 11.60 -11.45 -28.58
CA GLU A 65 12.20 -12.71 -28.18
C GLU A 65 13.70 -12.65 -28.45
N TRP A 66 14.50 -12.64 -27.40
CA TRP A 66 15.95 -12.68 -27.52
C TRP A 66 16.46 -14.08 -27.23
N GLN A 67 17.77 -14.28 -27.41
CA GLN A 67 18.43 -15.50 -27.00
C GLN A 67 19.19 -15.26 -25.69
N PHE A 68 19.23 -16.28 -24.83
CA PHE A 68 19.65 -16.09 -23.44
C PHE A 68 20.44 -17.30 -22.95
N ARG A 69 21.55 -17.02 -22.27
CA ARG A 69 22.37 -18.04 -21.62
C ARG A 69 22.73 -17.56 -20.23
N LEU A 70 22.58 -18.45 -19.25
CA LEU A 70 22.86 -18.14 -17.85
C LEU A 70 24.11 -18.90 -17.39
N SER A 71 25.00 -18.19 -16.70
CA SER A 71 26.18 -18.79 -16.09
C SER A 71 26.20 -18.45 -14.60
N PRO A 72 26.71 -19.35 -13.75
CA PRO A 72 26.63 -19.13 -12.30
C PRO A 72 27.59 -18.08 -11.76
N GLY A 73 28.60 -17.66 -12.52
CA GLY A 73 29.52 -16.65 -12.05
C GLY A 73 30.42 -16.20 -13.18
N SER A 74 31.21 -15.16 -12.93
CA SER A 74 32.03 -14.57 -13.98
C SER A 74 33.19 -15.48 -14.37
N ARG A 75 33.69 -16.29 -13.42
CA ARG A 75 34.84 -17.14 -13.72
C ARG A 75 34.44 -18.32 -14.60
N VAL A 76 33.15 -18.61 -14.71
CA VAL A 76 32.65 -19.71 -15.52
C VAL A 76 31.92 -19.22 -16.75
N ALA A 77 31.62 -17.93 -16.84
CA ALA A 77 30.92 -17.38 -17.99
C ALA A 77 31.78 -17.53 -19.24
N PRO A 78 31.32 -18.21 -20.29
CA PRO A 78 32.18 -18.45 -21.45
C PRO A 78 32.63 -17.17 -22.12
N ASP A 79 33.89 -17.16 -22.55
CA ASP A 79 34.42 -16.16 -23.47
C ASP A 79 34.60 -16.85 -24.83
N ASP A 80 33.47 -17.23 -25.42
CA ASP A 80 33.45 -18.06 -26.62
C ASP A 80 33.00 -17.27 -27.85
N GLY A 81 33.27 -15.97 -27.86
CA GLY A 81 32.89 -15.16 -29.01
C GLY A 81 31.41 -15.13 -29.28
N TRP A 82 30.60 -15.37 -28.26
CA TRP A 82 29.15 -15.41 -28.44
C TRP A 82 28.58 -14.09 -28.93
N GLN A 83 29.26 -12.97 -28.68
CA GLN A 83 28.72 -11.67 -29.08
C GLN A 83 28.45 -11.60 -30.58
N LEU A 84 29.18 -12.39 -31.37
CA LEU A 84 28.98 -12.41 -32.82
C LEU A 84 27.76 -13.21 -33.24
N GLY A 85 27.06 -13.84 -32.31
CA GLY A 85 25.79 -14.46 -32.64
C GLY A 85 25.88 -15.69 -33.51
N GLU A 86 27.07 -16.16 -33.81
CA GLU A 86 27.27 -17.33 -34.66
C GLU A 86 27.72 -18.51 -33.82
N ALA A 87 27.11 -19.66 -34.07
CA ALA A 87 27.38 -20.88 -33.31
C ALA A 87 27.34 -20.60 -31.82
N LEU A 88 26.15 -20.21 -31.36
CA LEU A 88 25.87 -20.02 -29.94
C LEU A 88 25.25 -21.29 -29.38
N ASN A 89 25.95 -21.94 -28.46
CA ASN A 89 25.44 -23.15 -27.83
C ASN A 89 25.11 -22.85 -26.38
N GLY A 90 23.95 -23.32 -25.93
CA GLY A 90 23.48 -23.05 -24.60
C GLY A 90 22.55 -21.86 -24.49
N PHE A 91 22.14 -21.28 -25.61
CA PHE A 91 21.20 -20.16 -25.60
C PHE A 91 19.81 -20.68 -25.89
N GLU A 92 18.82 -20.08 -25.24
CA GLU A 92 17.42 -20.40 -25.46
C GLU A 92 16.65 -19.08 -25.48
N SER A 93 15.42 -19.15 -25.94
CA SER A 93 14.63 -17.93 -26.10
C SER A 93 14.23 -17.37 -24.74
N LEU A 94 14.22 -16.04 -24.65
CA LEU A 94 13.83 -15.32 -23.45
C LEU A 94 13.20 -14.01 -23.91
N PRO A 95 12.03 -13.64 -23.40
CA PRO A 95 11.48 -12.32 -23.73
C PRO A 95 12.31 -11.21 -23.12
N VAL A 96 12.42 -10.12 -23.85
CA VAL A 96 13.06 -8.91 -23.36
C VAL A 96 12.11 -7.77 -23.72
N PRO A 97 11.70 -6.92 -22.75
CA PRO A 97 12.16 -6.89 -21.37
C PRO A 97 11.64 -8.03 -20.49
N SER A 98 12.38 -8.33 -19.42
CA SER A 98 12.05 -9.41 -18.50
C SER A 98 12.90 -9.27 -17.23
N SER A 99 12.37 -9.79 -16.13
CA SER A 99 13.18 -10.17 -14.96
C SER A 99 13.44 -11.66 -15.11
N TRP A 100 14.69 -12.06 -15.33
CA TRP A 100 14.85 -13.41 -15.85
C TRP A 100 14.55 -14.51 -14.83
N PRO A 101 14.63 -14.29 -13.51
CA PRO A 101 14.18 -15.36 -12.59
C PRO A 101 12.67 -15.59 -12.61
N MET A 102 11.89 -14.72 -13.25
CA MET A 102 10.47 -14.96 -13.43
C MET A 102 10.17 -15.87 -14.60
N HIS A 103 11.20 -16.39 -15.27
CA HIS A 103 11.01 -17.23 -16.45
C HIS A 103 11.83 -18.51 -16.35
N GLY A 104 12.06 -19.00 -15.14
CA GLY A 104 12.67 -20.29 -14.93
C GLY A 104 14.19 -20.30 -14.83
N HIS A 105 14.83 -19.14 -14.88
CA HIS A 105 16.28 -19.04 -14.84
C HIS A 105 16.70 -18.53 -13.47
N GLY A 106 17.22 -19.42 -12.65
CA GLY A 106 17.40 -19.09 -11.27
C GLY A 106 16.02 -18.90 -10.62
N ALA A 107 16.02 -18.16 -9.51
CA ALA A 107 14.78 -17.96 -8.78
C ALA A 107 14.81 -16.57 -8.17
N PRO A 108 13.66 -15.92 -8.03
CA PRO A 108 13.64 -14.66 -7.28
C PRO A 108 14.08 -14.90 -5.85
N ALA A 109 14.61 -13.86 -5.24
CA ALA A 109 15.06 -13.90 -3.85
C ALA A 109 14.67 -12.61 -3.17
N TYR A 110 14.08 -12.70 -1.98
CA TYR A 110 13.64 -11.53 -1.25
C TYR A 110 14.45 -11.37 0.03
N THR A 111 15.05 -10.20 0.20
CA THR A 111 15.64 -9.75 1.47
C THR A 111 15.09 -8.35 1.72
N ASN A 112 14.94 -7.98 2.98
CA ASN A 112 14.40 -6.66 3.36
C ASN A 112 15.58 -5.72 3.54
N VAL A 113 16.31 -5.82 4.65
CA VAL A 113 17.46 -4.95 4.95
C VAL A 113 18.74 -5.71 4.64
N GLN A 114 18.81 -6.95 5.06
CA GLN A 114 20.06 -7.69 4.97
C GLN A 114 20.48 -7.86 3.52
N PHE A 115 21.78 -7.73 3.26
CA PHE A 115 22.32 -8.07 1.96
C PHE A 115 22.39 -9.60 1.83
N PRO A 116 22.12 -10.14 0.66
CA PRO A 116 22.27 -11.58 0.43
C PRO A 116 23.69 -12.03 0.12
N PHE A 117 24.68 -11.15 0.32
CA PHE A 117 26.08 -11.45 0.09
C PHE A 117 26.87 -10.80 1.22
N ALA A 118 28.10 -11.27 1.40
CA ALA A 118 28.97 -10.67 2.42
C ALA A 118 29.17 -9.19 2.14
N VAL A 119 29.23 -8.40 3.22
CA VAL A 119 29.32 -6.94 3.09
C VAL A 119 30.79 -6.58 3.12
N GLU A 120 31.38 -6.43 1.94
CA GLU A 120 32.77 -6.03 1.78
C GLU A 120 32.90 -5.25 0.48
N PRO A 121 32.28 -4.07 0.41
CA PRO A 121 32.26 -3.33 -0.84
C PRO A 121 33.66 -3.02 -1.30
N PRO A 122 33.89 -2.98 -2.62
CA PRO A 122 32.95 -3.16 -3.73
C PRO A 122 32.86 -4.60 -4.23
N HIS A 123 33.27 -5.56 -3.40
CA HIS A 123 33.51 -6.91 -3.87
C HIS A 123 32.21 -7.69 -4.02
N VAL A 124 32.22 -8.64 -4.95
CA VAL A 124 31.02 -9.42 -5.27
C VAL A 124 31.25 -10.89 -4.92
N PRO A 125 30.19 -11.64 -4.62
CA PRO A 125 30.36 -13.05 -4.30
C PRO A 125 30.67 -13.87 -5.53
N GLU A 126 31.16 -15.09 -5.30
CA GLU A 126 31.48 -16.00 -6.39
C GLU A 126 30.21 -16.46 -7.10
N ALA A 127 29.14 -16.69 -6.35
CA ALA A 127 27.86 -17.08 -6.93
C ALA A 127 27.17 -15.81 -7.42
N ASN A 128 27.32 -15.51 -8.71
CA ASN A 128 26.82 -14.26 -9.29
C ASN A 128 26.24 -14.56 -10.67
N PRO A 129 24.93 -14.78 -10.76
CA PRO A 129 24.32 -15.08 -12.06
C PRO A 129 24.69 -14.09 -13.18
N ILE A 130 25.32 -14.60 -14.23
CA ILE A 130 25.70 -13.84 -15.41
C ILE A 130 24.76 -14.22 -16.54
N GLY A 131 23.98 -13.26 -17.04
CA GLY A 131 23.06 -13.52 -18.13
C GLY A 131 23.46 -12.89 -19.45
N ASP A 132 23.71 -13.71 -20.45
CA ASP A 132 24.13 -13.24 -21.76
C ASP A 132 22.91 -13.17 -22.67
N HIS A 133 22.63 -11.96 -23.17
CA HIS A 133 21.47 -11.68 -23.99
C HIS A 133 21.91 -11.31 -25.41
N LEU A 134 21.13 -11.71 -26.40
CA LEU A 134 21.50 -11.48 -27.78
C LEU A 134 20.26 -11.42 -28.66
N VAL A 135 20.26 -10.48 -29.61
CA VAL A 135 19.15 -10.31 -30.53
C VAL A 135 19.68 -9.76 -31.84
N VAL A 136 19.21 -10.34 -32.95
CA VAL A 136 19.53 -9.88 -34.29
C VAL A 136 18.37 -9.01 -34.77
N PHE A 137 18.70 -7.91 -35.44
CA PHE A 137 17.68 -6.98 -35.90
C PHE A 137 18.14 -6.31 -37.19
N GLU A 138 17.19 -5.66 -37.85
CA GLU A 138 17.41 -5.06 -39.17
C GLU A 138 17.26 -3.55 -39.07
N ALA A 139 18.24 -2.82 -39.57
CA ALA A 139 18.25 -1.37 -39.50
C ALA A 139 18.19 -0.80 -40.92
N GLY A 140 17.13 -0.06 -41.21
CA GLY A 140 16.95 0.55 -42.51
C GLY A 140 17.66 1.88 -42.64
N PRO A 141 17.64 2.43 -43.84
CA PRO A 141 18.40 3.67 -44.11
C PRO A 141 17.97 4.85 -43.26
N GLU A 142 16.77 4.81 -42.66
CA GLU A 142 16.35 5.91 -41.80
C GLU A 142 17.17 6.02 -40.52
N PHE A 143 18.00 5.02 -40.21
CA PHE A 143 18.85 5.06 -39.03
C PHE A 143 20.30 5.38 -39.37
N PHE A 144 20.52 6.12 -40.45
CA PHE A 144 21.87 6.45 -40.88
C PHE A 144 21.89 7.88 -41.38
N PRO A 145 23.00 8.60 -41.19
CA PRO A 145 24.26 8.11 -40.60
C PRO A 145 24.31 7.99 -39.08
N HIS A 146 23.38 8.59 -38.33
CA HIS A 146 23.50 8.67 -36.88
C HIS A 146 22.31 7.99 -36.21
N ALA A 147 22.62 7.17 -35.21
CA ALA A 147 21.58 6.52 -34.40
C ALA A 147 22.17 6.21 -33.04
N LEU A 148 21.29 5.85 -32.09
CA LEU A 148 21.72 5.44 -30.78
C LEU A 148 20.87 4.25 -30.32
N LEU A 149 21.41 3.53 -29.34
CA LEU A 149 20.69 2.46 -28.66
C LEU A 149 20.36 2.91 -27.25
N ARG A 150 19.10 2.75 -26.86
CA ARG A 150 18.61 3.17 -25.54
C ARG A 150 18.19 1.98 -24.71
N PHE A 151 18.66 1.93 -23.45
CA PHE A 151 18.29 0.91 -22.48
C PHE A 151 17.68 1.60 -21.26
N ASP A 152 16.41 1.34 -20.99
CA ASP A 152 15.76 2.05 -19.91
C ASP A 152 15.86 1.34 -18.57
N GLY A 153 16.48 0.15 -18.52
CA GLY A 153 16.77 -0.46 -17.23
C GLY A 153 17.42 -1.83 -17.31
N ILE A 154 18.55 -1.99 -16.61
CA ILE A 154 19.29 -3.25 -16.54
C ILE A 154 19.73 -3.43 -15.10
N GLU A 155 19.31 -4.54 -14.47
CA GLU A 155 19.70 -4.86 -13.10
C GLU A 155 20.75 -5.97 -13.13
N SER A 156 21.97 -5.72 -12.63
CA SER A 156 22.46 -4.43 -12.10
C SER A 156 23.61 -3.87 -12.94
N ALA A 157 24.32 -4.72 -13.69
CA ALA A 157 25.49 -4.28 -14.45
C ALA A 157 25.47 -4.89 -15.84
N GLY A 158 25.41 -4.03 -16.86
CA GLY A 158 25.37 -4.47 -18.24
C GLY A 158 26.65 -4.09 -18.97
N THR A 159 27.09 -4.98 -19.85
CA THR A 159 28.10 -4.67 -20.86
C THR A 159 27.47 -4.89 -22.22
N VAL A 160 27.64 -3.93 -23.12
CA VAL A 160 26.90 -3.89 -24.37
C VAL A 160 27.87 -3.95 -25.54
N TRP A 161 27.62 -4.87 -26.47
CA TRP A 161 28.34 -4.96 -27.74
C TRP A 161 27.34 -4.85 -28.89
N LEU A 162 27.76 -4.20 -29.96
CA LEU A 162 26.98 -4.17 -31.19
C LEU A 162 27.88 -4.64 -32.33
N ASN A 163 27.45 -5.70 -33.02
CA ASN A 163 28.25 -6.30 -34.08
C ASN A 163 29.67 -6.57 -33.59
N GLY A 164 29.79 -6.98 -32.33
CA GLY A 164 31.07 -7.33 -31.77
C GLY A 164 31.91 -6.17 -31.26
N VAL A 165 31.41 -4.94 -31.33
CA VAL A 165 32.15 -3.77 -30.84
C VAL A 165 31.55 -3.33 -29.53
N GLU A 166 32.38 -3.24 -28.50
CA GLU A 166 31.91 -2.87 -27.16
C GLU A 166 31.45 -1.43 -27.15
N LEU A 167 30.16 -1.22 -26.84
CA LEU A 167 29.65 0.14 -26.68
C LEU A 167 29.97 0.71 -25.31
N GLY A 168 29.72 -0.04 -24.24
CA GLY A 168 30.07 0.43 -22.92
C GLY A 168 29.37 -0.40 -21.86
N THR A 169 29.21 0.20 -20.68
CA THR A 169 28.59 -0.46 -19.56
C THR A 169 27.52 0.44 -18.96
N THR A 170 26.68 -0.18 -18.13
CA THR A 170 25.57 0.50 -17.49
C THR A 170 25.65 0.26 -15.99
N ARG A 171 25.43 1.34 -15.24
CA ARG A 171 25.26 1.29 -13.80
C ARG A 171 24.08 2.17 -13.44
N GLY A 172 23.35 1.75 -12.41
CA GLY A 172 22.10 2.40 -12.04
C GLY A 172 20.93 1.65 -12.64
N SER A 173 20.38 0.68 -11.89
CA SER A 173 19.59 -0.37 -12.49
C SER A 173 18.26 0.14 -13.04
N ARG A 174 17.67 1.15 -12.43
CA ARG A 174 16.41 1.70 -12.91
C ARG A 174 16.61 3.03 -13.64
N LEU A 175 17.82 3.28 -14.14
CA LEU A 175 18.16 4.49 -14.86
C LEU A 175 18.43 4.15 -16.33
N ALA A 176 18.26 5.17 -17.18
CA ALA A 176 18.40 5.01 -18.62
C ALA A 176 19.85 5.22 -19.07
N HIS A 177 20.24 4.48 -20.10
CA HIS A 177 21.53 4.68 -20.75
C HIS A 177 21.36 4.64 -22.26
N GLU A 178 22.06 5.53 -22.95
CA GLU A 178 22.05 5.60 -24.39
C GLU A 178 23.48 5.51 -24.92
N PHE A 179 23.65 4.78 -26.02
CA PHE A 179 24.96 4.60 -26.63
C PHE A 179 24.92 4.97 -28.11
N ASP A 180 25.86 5.82 -28.53
CA ASP A 180 25.98 6.20 -29.94
C ASP A 180 26.45 5.00 -30.75
N VAL A 181 25.66 4.61 -31.77
CA VAL A 181 26.02 3.48 -32.62
C VAL A 181 26.44 3.94 -34.01
N SER A 182 26.60 5.26 -34.21
CA SER A 182 27.08 5.78 -35.49
C SER A 182 28.42 5.16 -35.84
N GLY A 183 28.49 4.55 -37.02
CA GLY A 183 29.71 3.91 -37.49
C GLY A 183 29.88 2.48 -37.06
N ILE A 184 29.01 1.98 -36.19
CA ILE A 184 29.03 0.61 -35.72
C ILE A 184 27.80 -0.15 -36.21
N LEU A 185 26.63 0.45 -36.06
CA LEU A 185 25.43 -0.03 -36.72
C LEU A 185 25.66 -0.06 -38.22
N GLU A 186 25.30 -1.20 -38.84
CA GLU A 186 25.40 -1.38 -40.28
C GLU A 186 24.01 -1.48 -40.88
N GLN A 187 23.89 -1.04 -42.13
CA GLN A 187 22.63 -1.16 -42.83
C GLN A 187 22.30 -2.62 -43.06
N GLY A 188 21.06 -3.00 -42.77
CA GLY A 188 20.67 -4.40 -42.83
C GLY A 188 20.79 -5.05 -41.47
N GLU A 189 21.39 -6.25 -41.44
CA GLU A 189 21.39 -7.07 -40.24
C GLU A 189 22.43 -6.61 -39.23
N ASN A 190 22.04 -6.59 -37.95
CA ASN A 190 22.93 -6.24 -36.86
C ASN A 190 22.73 -7.24 -35.73
N THR A 191 23.76 -7.38 -34.89
CA THR A 191 23.71 -8.28 -33.75
C THR A 191 24.02 -7.51 -32.48
N LEU A 192 23.05 -7.45 -31.57
CA LEU A 192 23.19 -6.78 -30.29
C LEU A 192 23.40 -7.82 -29.18
N ALA A 193 24.44 -7.63 -28.39
CA ALA A 193 24.81 -8.55 -27.31
C ALA A 193 24.98 -7.79 -26.01
N VAL A 194 24.43 -8.34 -24.93
CA VAL A 194 24.48 -7.69 -23.63
C VAL A 194 24.78 -8.74 -22.57
N ARG A 195 25.88 -8.55 -21.83
CA ARG A 195 26.22 -9.40 -20.69
C ARG A 195 25.78 -8.69 -19.42
N VAL A 196 24.92 -9.34 -18.64
CA VAL A 196 24.28 -8.76 -17.48
C VAL A 196 24.67 -9.55 -16.24
N ALA A 197 25.26 -8.86 -15.26
CA ALA A 197 25.59 -9.46 -13.98
C ALA A 197 24.55 -9.06 -12.95
N GLN A 198 23.98 -10.04 -12.25
CA GLN A 198 23.03 -9.72 -11.19
C GLN A 198 23.68 -8.81 -10.15
N PHE A 199 24.79 -9.26 -9.58
CA PHE A 199 25.47 -8.52 -8.53
C PHE A 199 26.67 -7.74 -9.07
N SER A 200 26.85 -6.54 -8.54
CA SER A 200 28.01 -5.71 -8.83
C SER A 200 28.21 -4.77 -7.65
N ALA A 201 29.23 -3.91 -7.76
CA ALA A 201 29.41 -2.88 -6.72
C ALA A 201 28.14 -2.06 -6.55
N ALA A 202 27.36 -1.88 -7.62
CA ALA A 202 26.12 -1.14 -7.52
C ALA A 202 25.12 -1.82 -6.58
N SER A 203 25.19 -3.14 -6.44
CA SER A 203 24.26 -3.83 -5.55
C SER A 203 24.30 -3.23 -4.15
N TYR A 204 25.47 -2.76 -3.73
CA TYR A 204 25.64 -2.15 -2.41
C TYR A 204 24.80 -0.88 -2.24
N VAL A 205 24.43 -0.21 -3.33
CA VAL A 205 23.61 1.00 -3.25
C VAL A 205 22.21 0.77 -3.80
N GLU A 206 21.83 -0.47 -4.01
CA GLU A 206 20.50 -0.82 -4.50
C GLU A 206 19.86 -1.86 -3.57
N ASP A 207 19.87 -1.58 -2.27
CA ASP A 207 19.40 -2.52 -1.25
C ASP A 207 17.96 -2.24 -0.84
N GLN A 208 17.09 -1.97 -1.80
CA GLN A 208 15.69 -1.75 -1.50
C GLN A 208 15.04 -3.01 -0.93
N ASP A 209 14.01 -2.80 -0.11
CA ASP A 209 13.20 -3.89 0.44
C ASP A 209 12.26 -4.37 -0.65
N MET A 210 12.69 -5.40 -1.37
CA MET A 210 11.97 -5.90 -2.54
C MET A 210 12.69 -7.12 -3.09
N TRP A 211 12.16 -7.74 -4.14
CA TRP A 211 12.81 -8.90 -4.73
C TRP A 211 14.06 -8.46 -5.49
N TRP A 212 15.15 -9.20 -5.30
CA TRP A 212 16.31 -9.09 -6.18
C TRP A 212 15.97 -9.80 -7.48
N LEU A 213 16.08 -9.08 -8.60
CA LEU A 213 15.59 -9.58 -9.89
C LEU A 213 16.49 -9.06 -11.00
N PRO A 214 17.49 -9.83 -11.41
CA PRO A 214 18.33 -9.39 -12.54
C PRO A 214 17.57 -9.46 -13.87
N GLY A 215 17.96 -8.59 -14.78
CA GLY A 215 17.46 -8.68 -16.14
C GLY A 215 17.50 -7.35 -16.85
N ILE A 216 17.22 -7.43 -18.15
CA ILE A 216 16.96 -6.24 -18.97
C ILE A 216 15.45 -6.06 -18.90
N PHE A 217 15.00 -5.28 -17.92
CA PHE A 217 13.60 -5.31 -17.52
C PHE A 217 12.80 -4.12 -18.02
N ARG A 218 13.39 -3.29 -18.88
CA ARG A 218 12.69 -2.19 -19.53
C ARG A 218 13.14 -2.09 -20.98
N ASP A 219 12.51 -1.19 -21.71
CA ASP A 219 12.60 -1.15 -23.17
C ASP A 219 14.04 -1.05 -23.67
N VAL A 220 14.26 -1.64 -24.83
CA VAL A 220 15.48 -1.47 -25.62
C VAL A 220 15.08 -0.86 -26.95
N THR A 221 15.63 0.31 -27.27
CA THR A 221 15.15 1.10 -28.39
C THR A 221 16.31 1.52 -29.27
N LEU A 222 16.14 1.39 -30.59
CA LEU A 222 17.03 1.99 -31.57
C LEU A 222 16.39 3.29 -32.05
N GLN A 223 17.10 4.41 -31.90
CA GLN A 223 16.58 5.72 -32.27
C GLN A 223 17.52 6.40 -33.24
N ALA A 224 16.98 6.86 -34.36
CA ALA A 224 17.74 7.70 -35.28
C ALA A 224 17.91 9.09 -34.69
N ARG A 225 19.06 9.71 -34.99
CA ARG A 225 19.38 11.06 -34.54
C ARG A 225 19.69 11.91 -35.76
N PRO A 226 18.65 12.43 -36.43
CA PRO A 226 18.91 13.22 -37.63
C PRO A 226 19.65 14.51 -37.31
N ALA A 227 20.38 15.00 -38.31
CA ALA A 227 21.07 16.27 -38.20
C ALA A 227 20.07 17.37 -37.87
N ALA A 228 20.59 18.43 -37.25
CA ALA A 228 19.77 19.60 -36.91
C ALA A 228 18.58 19.18 -36.04
N GLY A 229 18.81 18.26 -35.12
CA GLY A 229 17.77 17.72 -34.27
C GLY A 229 17.78 18.37 -32.89
N ILE A 230 17.13 17.67 -31.94
CA ILE A 230 16.99 18.13 -30.57
C ILE A 230 17.33 16.97 -29.64
N ASP A 231 18.41 17.12 -28.86
CA ASP A 231 18.77 16.07 -27.93
C ASP A 231 18.06 16.19 -26.60
N ASP A 232 17.98 17.40 -26.04
CA ASP A 232 17.38 17.59 -24.72
C ASP A 232 16.48 18.82 -24.76
N VAL A 233 15.53 18.82 -23.83
CA VAL A 233 14.59 19.92 -23.63
C VAL A 233 14.35 20.05 -22.14
N PHE A 234 14.29 21.29 -21.66
CA PHE A 234 14.00 21.56 -20.26
C PHE A 234 12.88 22.57 -20.22
N VAL A 235 11.69 22.12 -19.78
CA VAL A 235 10.49 22.93 -19.69
C VAL A 235 10.45 23.61 -18.33
N HIS A 236 10.25 24.93 -18.35
CA HIS A 236 9.98 25.71 -17.15
C HIS A 236 8.62 26.35 -17.32
N ALA A 237 7.64 25.90 -16.54
CA ALA A 237 6.26 26.37 -16.65
C ALA A 237 5.77 26.75 -15.26
N GLY A 238 5.91 28.02 -14.93
CA GLY A 238 5.51 28.53 -13.63
C GLY A 238 4.12 29.15 -13.69
N TYR A 239 3.56 29.36 -12.50
CA TYR A 239 2.24 29.96 -12.39
C TYR A 239 2.25 31.06 -11.35
N ASP A 240 1.72 32.22 -11.71
CA ASP A 240 1.60 33.37 -10.81
C ASP A 240 0.15 33.43 -10.33
N HIS A 241 -0.10 32.91 -9.12
CA HIS A 241 -1.47 32.78 -8.63
C HIS A 241 -2.13 34.11 -8.33
N ILE A 242 -1.37 35.21 -8.26
CA ILE A 242 -1.97 36.53 -8.07
C ILE A 242 -2.52 37.05 -9.39
N THR A 243 -1.74 36.96 -10.46
CA THR A 243 -2.17 37.51 -11.75
C THR A 243 -2.87 36.48 -12.63
N GLY A 244 -2.69 35.19 -12.35
CA GLY A 244 -3.14 34.15 -13.25
C GLY A 244 -2.23 33.90 -14.42
N GLU A 245 -1.08 34.54 -14.45
CA GLU A 245 -0.14 34.40 -15.56
C GLU A 245 0.60 33.08 -15.48
N GLY A 246 0.85 32.49 -16.65
CA GLY A 246 1.84 31.45 -16.77
C GLY A 246 3.20 32.06 -17.07
N ILE A 247 4.25 31.41 -16.58
CA ILE A 247 5.62 31.83 -16.81
C ILE A 247 6.33 30.69 -17.54
N LEU A 248 6.61 30.89 -18.83
CA LEU A 248 7.02 29.82 -19.71
C LEU A 248 8.42 30.08 -20.25
N LYS A 249 9.28 29.07 -20.11
CA LYS A 249 10.57 29.07 -20.79
C LYS A 249 10.90 27.62 -21.13
N VAL A 250 11.20 27.37 -22.41
CA VAL A 250 11.48 26.02 -22.88
C VAL A 250 12.88 26.03 -23.47
N GLU A 251 13.83 25.41 -22.78
CA GLU A 251 15.20 25.30 -23.29
C GLU A 251 15.31 24.07 -24.18
N ALA A 252 16.12 24.20 -25.24
CA ALA A 252 16.40 23.11 -26.15
C ALA A 252 17.86 23.13 -26.51
N SER A 253 18.47 21.94 -26.58
CA SER A 253 19.89 21.86 -26.84
C SER A 253 20.18 20.66 -27.74
N ARG A 254 21.38 20.67 -28.30
CA ARG A 254 21.88 19.63 -29.17
C ARG A 254 23.37 19.50 -28.89
N GLY A 255 23.82 18.28 -28.61
CA GLY A 255 25.19 18.08 -28.21
C GLY A 255 25.57 18.97 -27.05
N GLY A 256 24.59 19.27 -26.20
CA GLY A 256 24.82 20.04 -24.99
C GLY A 256 24.82 21.55 -25.16
N GLN A 257 24.60 22.07 -26.37
CA GLN A 257 24.59 23.51 -26.62
C GLN A 257 23.19 23.98 -26.95
N ALA A 258 22.82 25.14 -26.44
CA ALA A 258 21.51 25.72 -26.77
C ALA A 258 21.38 25.91 -28.27
N ILE A 259 20.19 25.65 -28.79
CA ILE A 259 19.95 25.74 -30.22
C ILE A 259 18.70 26.54 -30.52
N ASP A 260 18.69 27.17 -31.68
CA ASP A 260 17.48 27.78 -32.22
C ASP A 260 16.41 26.72 -32.39
N ALA A 261 15.32 26.84 -31.65
CA ALA A 261 14.15 26.01 -31.86
C ALA A 261 12.93 26.88 -31.70
N VAL A 262 11.84 26.45 -32.34
CA VAL A 262 10.55 27.13 -32.25
C VAL A 262 9.64 26.35 -31.31
N VAL A 263 8.97 27.07 -30.41
CA VAL A 263 8.03 26.48 -29.47
C VAL A 263 6.63 26.97 -29.83
N ARG A 264 5.72 26.04 -30.10
CA ARG A 264 4.34 26.38 -30.39
C ARG A 264 3.41 25.75 -29.35
N VAL A 265 2.47 26.54 -28.85
CA VAL A 265 1.43 26.05 -27.96
C VAL A 265 0.09 26.52 -28.53
N PRO A 266 -0.52 25.76 -29.43
CA PRO A 266 -1.71 26.28 -30.12
C PRO A 266 -2.82 26.75 -29.20
N GLU A 267 -3.15 25.99 -28.14
CA GLU A 267 -4.29 26.36 -27.31
C GLU A 267 -4.11 27.74 -26.69
N LEU A 268 -2.87 28.17 -26.48
CA LEU A 268 -2.57 29.47 -25.87
C LEU A 268 -2.15 30.52 -26.90
N ALA A 269 -2.26 30.23 -28.19
CA ALA A 269 -1.95 31.20 -29.24
C ALA A 269 -0.53 31.75 -29.08
N LEU A 270 0.42 30.84 -28.85
CA LEU A 270 1.81 31.18 -28.55
C LEU A 270 2.72 30.61 -29.62
N GLU A 271 3.64 31.44 -30.11
CA GLU A 271 4.82 30.98 -30.84
C GLU A 271 6.01 31.74 -30.29
N LEU A 272 6.97 31.01 -29.72
CA LEU A 272 8.12 31.66 -29.13
C LEU A 272 9.38 30.87 -29.45
N ALA A 273 10.50 31.53 -29.26
CA ALA A 273 11.79 30.88 -29.40
C ALA A 273 12.12 30.11 -28.14
N ALA A 274 12.71 28.93 -28.31
CA ALA A 274 13.31 28.25 -27.18
C ALA A 274 14.35 29.16 -26.54
N GLY A 275 14.49 29.04 -25.22
CA GLY A 275 15.49 29.78 -24.49
C GLY A 275 15.07 31.15 -23.98
N THR A 276 13.85 31.61 -24.28
CA THR A 276 13.39 32.90 -23.80
C THR A 276 12.19 32.71 -22.89
N GLU A 277 12.20 33.43 -21.77
CA GLU A 277 11.10 33.39 -20.80
C GLU A 277 10.03 34.38 -21.21
N VAL A 278 8.78 33.93 -21.20
CA VAL A 278 7.63 34.75 -21.54
C VAL A 278 6.57 34.60 -20.47
N ARG A 279 5.62 35.53 -20.49
CA ARG A 279 4.52 35.60 -19.53
C ARG A 279 3.24 35.44 -20.35
N VAL A 280 2.53 34.34 -20.10
CA VAL A 280 1.29 34.03 -20.78
C VAL A 280 0.17 34.66 -19.95
N PRO A 281 -0.69 35.49 -20.53
CA PRO A 281 -1.58 36.32 -19.70
C PRO A 281 -2.50 35.55 -18.77
N ALA A 282 -3.10 34.45 -19.20
CA ALA A 282 -4.06 33.74 -18.34
C ALA A 282 -4.00 32.25 -18.65
N VAL A 283 -3.33 31.50 -17.79
CA VAL A 283 -3.28 30.05 -17.93
C VAL A 283 -4.18 29.43 -16.87
N GLU A 284 -4.64 28.23 -17.16
CA GLU A 284 -5.33 27.42 -16.18
C GLU A 284 -4.31 26.53 -15.50
N PRO A 285 -4.11 26.66 -14.18
CA PRO A 285 -2.97 25.99 -13.54
C PRO A 285 -3.19 24.50 -13.36
N TRP A 286 -2.06 23.77 -13.29
CA TRP A 286 -2.06 22.33 -13.12
C TRP A 286 -2.04 21.96 -11.63
N SER A 287 -2.86 21.00 -11.26
CA SER A 287 -2.82 20.40 -9.93
C SER A 287 -3.27 18.96 -10.03
N ALA A 288 -3.00 18.17 -8.98
CA ALA A 288 -3.54 16.82 -8.95
C ALA A 288 -5.05 16.82 -9.09
N GLU A 289 -5.72 17.83 -8.53
CA GLU A 289 -7.18 17.91 -8.63
C GLU A 289 -7.61 18.32 -10.03
N VAL A 290 -6.90 19.25 -10.66
CA VAL A 290 -7.25 19.72 -12.00
C VAL A 290 -5.98 19.68 -12.85
N PRO A 291 -5.65 18.54 -13.45
CA PRO A 291 -4.36 18.38 -14.12
C PRO A 291 -4.37 18.94 -15.55
N LYS A 292 -4.60 20.24 -15.64
CA LYS A 292 -4.64 20.91 -16.94
C LYS A 292 -3.28 20.78 -17.62
N LEU A 293 -3.29 20.25 -18.84
CA LEU A 293 -2.09 20.15 -19.66
C LEU A 293 -2.30 20.86 -20.99
N TYR A 294 -1.29 21.59 -21.44
CA TYR A 294 -1.31 22.22 -22.76
C TYR A 294 -0.38 21.47 -23.69
N GLU A 295 -0.89 21.06 -24.85
CA GLU A 295 -0.06 20.39 -25.84
C GLU A 295 0.87 21.39 -26.51
N ALA A 296 2.14 21.03 -26.61
CA ALA A 296 3.15 21.91 -27.18
C ALA A 296 4.10 21.07 -28.03
N ALA A 297 4.80 21.77 -28.92
CA ALA A 297 5.82 21.13 -29.74
C ALA A 297 7.03 22.05 -29.85
N VAL A 298 8.21 21.49 -29.65
CA VAL A 298 9.48 22.16 -29.88
C VAL A 298 10.10 21.52 -31.11
N SER A 299 10.46 22.35 -32.09
CA SER A 299 10.93 21.82 -33.37
C SER A 299 12.10 22.62 -33.89
N ALA A 300 13.11 21.89 -34.35
CA ALA A 300 14.20 22.40 -35.16
C ALA A 300 14.06 21.80 -36.55
N ALA A 301 15.00 22.12 -37.43
CA ALA A 301 14.89 21.71 -38.84
C ALA A 301 14.69 20.20 -38.97
N GLY A 302 15.48 19.41 -38.26
CA GLY A 302 15.48 17.97 -38.44
C GLY A 302 14.75 17.14 -37.40
N GLU A 303 14.06 17.76 -36.45
CA GLU A 303 13.43 16.96 -35.40
C GLU A 303 12.47 17.83 -34.62
N SER A 304 11.34 17.25 -34.24
CA SER A 304 10.32 17.93 -33.46
C SER A 304 9.96 17.05 -32.26
N VAL A 305 9.73 17.69 -31.11
CA VAL A 305 9.44 17.01 -29.85
C VAL A 305 8.10 17.49 -29.34
N ALA A 306 7.25 16.54 -28.93
CA ALA A 306 5.92 16.83 -28.42
C ALA A 306 5.94 16.83 -26.89
N LEU A 307 5.32 17.85 -26.30
CA LEU A 307 5.34 18.07 -24.87
C LEU A 307 3.93 18.35 -24.36
N GLN A 308 3.70 17.97 -23.11
CA GLN A 308 2.52 18.39 -22.37
C GLN A 308 2.99 19.26 -21.21
N ILE A 309 2.48 20.49 -21.17
CA ILE A 309 2.98 21.50 -20.24
C ILE A 309 1.89 21.79 -19.22
N GLY A 310 2.19 21.55 -17.95
CA GLY A 310 1.31 21.96 -16.87
C GLY A 310 1.94 23.08 -16.09
N PHE A 311 1.25 24.22 -16.00
CA PHE A 311 1.78 25.40 -15.34
C PHE A 311 1.51 25.27 -13.85
N ARG A 312 2.57 25.15 -13.06
CA ARG A 312 2.43 25.15 -11.61
C ARG A 312 3.74 25.59 -10.99
N SER A 313 3.64 26.36 -9.90
CA SER A 313 4.78 26.82 -9.14
C SER A 313 4.74 26.21 -7.73
N ILE A 314 5.87 25.70 -7.28
CA ILE A 314 5.99 25.08 -5.97
C ILE A 314 6.77 26.02 -5.08
N ALA A 315 6.35 26.16 -3.84
CA ALA A 315 7.00 27.10 -2.93
C ALA A 315 6.82 26.63 -1.49
N ILE A 316 7.84 26.91 -0.68
CA ILE A 316 7.78 26.69 0.75
C ILE A 316 7.74 28.06 1.43
N GLU A 317 6.72 28.25 2.26
CA GLU A 317 6.38 29.55 2.83
C GLU A 317 5.65 29.32 4.15
N ASP A 318 6.09 30.01 5.20
CA ASP A 318 5.47 29.90 6.52
C ASP A 318 5.38 28.43 6.93
N ALA A 319 6.49 27.71 6.74
CA ALA A 319 6.62 26.31 7.13
C ALA A 319 5.50 25.45 6.52
N GLN A 320 5.12 25.79 5.29
CA GLN A 320 4.07 25.08 4.56
C GLN A 320 4.53 24.77 3.14
N PHE A 321 4.14 23.61 2.64
CA PHE A 321 4.45 23.20 1.27
C PHE A 321 3.28 23.64 0.38
N LYS A 322 3.54 24.55 -0.55
CA LYS A 322 2.50 25.20 -1.33
C LYS A 322 2.68 24.99 -2.83
N VAL A 323 1.56 24.86 -3.51
CA VAL A 323 1.48 24.75 -4.95
C VAL A 323 0.48 25.79 -5.42
N ASN A 324 0.91 26.63 -6.35
CA ASN A 324 0.05 27.66 -6.92
C ASN A 324 -0.58 28.53 -5.84
N GLY A 325 0.23 28.86 -4.83
CA GLY A 325 -0.17 29.78 -3.79
C GLY A 325 -0.92 29.17 -2.62
N ARG A 326 -1.12 27.85 -2.59
CA ARG A 326 -1.92 27.24 -1.54
C ARG A 326 -1.26 26.00 -0.96
N ARG A 327 -1.40 25.85 0.36
CA ARG A 327 -0.99 24.62 1.02
CA ARG A 327 -1.00 24.63 1.02
C ARG A 327 -1.86 23.47 0.53
N ILE A 328 -1.21 22.36 0.17
CA ILE A 328 -1.94 21.18 -0.28
C ILE A 328 -1.86 20.11 0.80
N LEU A 329 -2.72 19.12 0.68
CA LEU A 329 -2.69 17.93 1.53
C LEU A 329 -2.33 16.72 0.66
N LEU A 330 -1.21 16.10 0.96
CA LEU A 330 -0.81 14.91 0.24
C LEU A 330 -1.56 13.70 0.78
N ARG A 331 -2.25 12.99 -0.11
CA ARG A 331 -3.00 11.79 0.19
C ARG A 331 -2.32 10.68 -0.62
N GLY A 332 -1.27 10.08 -0.04
CA GLY A 332 -0.29 9.40 -0.85
C GLY A 332 -0.07 7.91 -0.60
N VAL A 333 0.56 7.26 -1.57
CA VAL A 333 1.05 5.88 -1.44
C VAL A 333 2.47 5.80 -1.97
N ASN A 334 3.22 4.83 -1.44
CA ASN A 334 4.53 4.46 -1.98
C ASN A 334 4.33 3.37 -3.03
N ARG A 335 4.70 3.68 -4.29
CA ARG A 335 4.47 2.79 -5.42
C ARG A 335 5.78 2.15 -5.86
N HIS A 336 5.94 0.87 -5.54
CA HIS A 336 6.93 0.03 -6.19
C HIS A 336 6.44 -0.42 -7.57
N GLU A 337 7.35 -0.95 -8.37
CA GLU A 337 7.00 -1.56 -9.64
C GLU A 337 7.18 -3.05 -9.48
N HIS A 338 6.05 -3.77 -9.45
CA HIS A 338 6.07 -5.22 -9.29
C HIS A 338 4.90 -5.82 -10.05
N HIS A 339 5.12 -7.04 -10.55
CA HIS A 339 4.09 -7.82 -11.19
C HIS A 339 4.25 -9.26 -10.72
N PRO A 340 3.16 -9.94 -10.34
CA PRO A 340 3.31 -11.26 -9.73
C PRO A 340 3.85 -12.35 -10.66
N ARG A 341 3.87 -12.12 -11.96
CA ARG A 341 4.39 -13.10 -12.90
C ARG A 341 5.52 -12.57 -13.78
N LEU A 342 5.70 -11.25 -13.87
CA LEU A 342 6.73 -10.67 -14.72
C LEU A 342 7.80 -9.92 -13.93
N GLY A 343 7.68 -9.85 -12.61
CA GLY A 343 8.69 -9.23 -11.79
C GLY A 343 8.70 -7.71 -11.87
N ARG A 344 9.83 -7.14 -12.27
CA ARG A 344 9.92 -5.69 -12.35
C ARG A 344 9.33 -5.13 -13.65
N VAL A 345 8.86 -5.99 -14.54
CA VAL A 345 8.17 -5.57 -15.74
C VAL A 345 6.69 -5.42 -15.42
N VAL A 346 6.19 -4.19 -15.50
CA VAL A 346 4.78 -3.89 -15.27
C VAL A 346 4.15 -3.52 -16.62
N PRO A 347 3.29 -4.36 -17.18
CA PRO A 347 2.63 -4.01 -18.45
C PRO A 347 1.88 -2.69 -18.33
N ARG A 348 1.92 -1.93 -19.44
CA ARG A 348 1.30 -0.61 -19.45
C ARG A 348 -0.16 -0.68 -19.02
N ASP A 349 -0.89 -1.70 -19.46
CA ASP A 349 -2.31 -1.79 -19.13
C ASP A 349 -2.52 -1.94 -17.62
N VAL A 350 -1.59 -2.60 -16.94
CA VAL A 350 -1.65 -2.71 -15.48
C VAL A 350 -1.35 -1.37 -14.83
N VAL A 351 -0.35 -0.64 -15.35
CA VAL A 351 -0.02 0.70 -14.84
C VAL A 351 -1.23 1.61 -14.91
N GLU A 352 -1.83 1.70 -16.10
CA GLU A 352 -3.00 2.57 -16.27
C GLU A 352 -4.13 2.19 -15.32
N ALA A 353 -4.42 0.89 -15.21
CA ALA A 353 -5.51 0.44 -14.35
C ALA A 353 -5.24 0.75 -12.89
N GLU A 354 -4.01 0.52 -12.41
CA GLU A 354 -3.72 0.76 -11.01
C GLU A 354 -3.74 2.25 -10.68
N LEU A 355 -3.28 3.11 -11.60
CA LEU A 355 -3.39 4.55 -11.34
C LEU A 355 -4.86 4.96 -11.28
N ARG A 356 -5.70 4.41 -12.15
CA ARG A 356 -7.14 4.67 -12.07
CA ARG A 356 -7.14 4.68 -12.06
C ARG A 356 -7.70 4.17 -10.73
N LEU A 357 -7.24 3.00 -10.29
CA LEU A 357 -7.72 2.49 -9.00
C LEU A 357 -7.32 3.42 -7.86
N MET A 358 -6.12 4.01 -7.94
CA MET A 358 -5.70 4.96 -6.91
C MET A 358 -6.62 6.18 -6.87
N LYS A 359 -6.89 6.78 -8.03
CA LYS A 359 -7.80 7.93 -8.06
C LYS A 359 -9.18 7.55 -7.54
N GLN A 360 -9.61 6.32 -7.81
CA GLN A 360 -10.91 5.85 -7.35
C GLN A 360 -10.95 5.68 -5.83
N HIS A 361 -9.80 5.67 -5.17
CA HIS A 361 -9.74 5.60 -3.73
C HIS A 361 -9.17 6.86 -3.12
N ASN A 362 -9.32 7.98 -3.84
CA ASN A 362 -9.08 9.35 -3.38
C ASN A 362 -7.61 9.66 -3.18
N ILE A 363 -6.72 8.80 -3.63
CA ILE A 363 -5.28 9.08 -3.62
C ILE A 363 -4.97 10.22 -4.59
N ASN A 364 -4.05 11.11 -4.19
CA ASN A 364 -3.65 12.24 -5.00
C ASN A 364 -2.14 12.41 -5.08
N ALA A 365 -1.37 11.46 -4.53
CA ALA A 365 0.07 11.62 -4.48
C ALA A 365 0.75 10.26 -4.51
N ILE A 366 1.92 10.21 -5.15
CA ILE A 366 2.67 8.97 -5.31
C ILE A 366 4.15 9.26 -5.09
N ARG A 367 4.79 8.41 -4.29
CA ARG A 367 6.24 8.40 -4.15
C ARG A 367 6.78 7.17 -4.86
N THR A 368 7.75 7.37 -5.76
CA THR A 368 8.31 6.27 -6.55
C THR A 368 9.37 5.56 -5.70
N SER A 369 8.88 4.79 -4.72
CA SER A 369 9.76 4.03 -3.84
C SER A 369 10.43 2.89 -4.59
N HIS A 370 11.76 2.80 -4.59
CA HIS A 370 12.74 3.82 -4.18
C HIS A 370 13.75 3.97 -5.34
N TYR A 371 13.24 4.39 -6.48
CA TYR A 371 13.97 4.45 -7.74
C TYR A 371 13.02 5.08 -8.75
N PRO A 372 13.53 5.61 -9.86
CA PRO A 372 12.64 6.16 -10.86
C PRO A 372 11.82 5.06 -11.51
N PRO A 373 10.57 5.34 -11.84
CA PRO A 373 9.71 4.34 -12.49
C PRO A 373 10.02 4.21 -13.98
N HIS A 374 9.27 3.33 -14.64
CA HIS A 374 9.29 3.30 -16.10
C HIS A 374 9.07 4.72 -16.64
N PRO A 375 9.80 5.14 -17.67
CA PRO A 375 9.66 6.53 -18.13
C PRO A 375 8.24 6.88 -18.57
N GLN A 376 7.46 5.89 -19.01
CA GLN A 376 6.06 6.10 -19.41
CA GLN A 376 6.09 6.20 -19.42
C GLN A 376 5.19 6.54 -18.24
N PHE A 377 5.61 6.26 -17.01
CA PHE A 377 4.78 6.54 -15.85
C PHE A 377 4.49 8.03 -15.72
N LEU A 378 5.43 8.90 -16.06
CA LEU A 378 5.31 10.30 -15.66
C LEU A 378 4.22 11.02 -16.44
N ALA A 379 4.04 10.70 -17.72
CA ALA A 379 2.98 11.35 -18.50
C ALA A 379 1.60 10.93 -17.97
N LEU A 380 1.46 9.68 -17.54
CA LEU A 380 0.21 9.25 -16.91
C LEU A 380 -0.05 10.00 -15.61
N ALA A 381 0.98 10.20 -14.80
CA ALA A 381 0.82 11.01 -13.59
C ALA A 381 0.42 12.43 -13.93
N ASP A 382 1.09 13.03 -14.93
CA ASP A 382 0.72 14.36 -15.41
C ASP A 382 -0.76 14.43 -15.77
N GLN A 383 -1.26 13.40 -16.47
CA GLN A 383 -2.59 13.44 -17.07
C GLN A 383 -3.67 13.12 -16.05
N LEU A 384 -3.49 12.05 -15.26
CA LEU A 384 -4.53 11.67 -14.29
C LEU A 384 -4.52 12.57 -13.07
N GLY A 385 -3.35 13.07 -12.67
CA GLY A 385 -3.24 14.06 -11.63
C GLY A 385 -2.78 13.47 -10.31
N PHE A 386 -1.46 13.42 -10.13
CA PHE A 386 -0.84 13.03 -8.87
C PHE A 386 0.30 13.99 -8.59
N TYR A 387 0.42 14.41 -7.33
CA TYR A 387 1.67 15.01 -6.86
C TYR A 387 2.68 13.89 -6.64
N VAL A 388 3.81 13.96 -7.34
CA VAL A 388 4.78 12.87 -7.37
C VAL A 388 6.06 13.29 -6.66
N VAL A 389 6.58 12.41 -5.85
CA VAL A 389 7.90 12.55 -5.22
C VAL A 389 8.76 11.61 -6.05
N LEU A 390 9.56 12.10 -6.96
CA LEU A 390 10.37 11.21 -7.80
C LEU A 390 11.69 10.88 -7.10
N GLU A 391 11.92 9.63 -6.68
CA GLU A 391 13.11 9.26 -5.88
C GLU A 391 14.21 8.62 -6.74
N CYS A 392 15.47 9.03 -6.48
CA CYS A 392 16.66 8.48 -7.09
C CYS A 392 16.89 7.05 -6.62
N ASP A 393 17.56 6.27 -7.46
CA ASP A 393 17.83 4.86 -7.22
C ASP A 393 19.07 4.76 -6.32
N LEU A 394 18.84 4.83 -5.01
CA LEU A 394 19.93 4.81 -4.03
C LEU A 394 19.40 4.32 -2.69
N GLU A 395 19.97 3.23 -2.18
CA GLU A 395 19.61 2.73 -0.84
C GLU A 395 20.72 1.82 -0.35
N THR A 396 21.33 2.19 0.79
CA THR A 396 22.41 1.44 1.41
C THR A 396 21.99 0.88 2.77
N HIS A 397 20.73 0.48 2.89
CA HIS A 397 20.13 0.13 4.17
C HIS A 397 20.98 -0.91 4.92
N GLY A 398 21.53 -1.87 4.19
CA GLY A 398 22.27 -2.97 4.82
C GLY A 398 23.52 -2.54 5.58
N PHE A 399 24.00 -1.31 5.41
CA PHE A 399 25.15 -0.84 6.17
C PHE A 399 24.78 -0.35 7.57
N GLU A 400 23.49 -0.13 7.84
CA GLU A 400 23.07 0.40 9.13
C GLU A 400 23.48 -0.52 10.30
N SER A 401 23.36 -1.84 10.11
CA SER A 401 23.59 -2.76 11.23
C SER A 401 25.04 -2.74 11.71
N ALA A 402 25.98 -2.25 10.90
CA ALA A 402 27.37 -2.09 11.31
C ALA A 402 27.69 -0.65 11.69
N GLY A 403 26.68 0.09 12.17
CA GLY A 403 26.93 1.47 12.53
C GLY A 403 27.26 2.35 11.33
N TRP A 404 26.87 1.93 10.13
CA TRP A 404 27.13 2.64 8.88
C TRP A 404 28.60 2.64 8.48
N ALA A 405 29.44 1.83 9.11
CA ALA A 405 30.79 1.64 8.62
C ALA A 405 30.74 1.28 7.14
N GLN A 406 31.61 1.90 6.35
CA GLN A 406 31.79 1.64 4.93
C GLN A 406 30.59 2.07 4.09
N ASN A 407 29.69 2.87 4.65
CA ASN A 407 28.53 3.35 3.92
C ASN A 407 28.94 4.08 2.63
N PRO A 408 28.53 3.61 1.46
CA PRO A 408 28.88 4.35 0.22
C PRO A 408 28.48 5.81 0.24
N SER A 409 27.45 6.17 1.00
CA SER A 409 26.96 7.55 0.98
C SER A 409 27.98 8.53 1.55
N ASP A 410 28.92 8.07 2.34
CA ASP A 410 29.96 8.92 2.92
C ASP A 410 31.36 8.57 2.44
N ASP A 411 31.48 7.71 1.42
CA ASP A 411 32.77 7.23 0.97
C ASP A 411 33.17 8.01 -0.28
N PRO A 412 34.20 8.85 -0.24
CA PRO A 412 34.54 9.66 -1.43
C PRO A 412 34.69 8.84 -2.71
N GLN A 413 35.04 7.56 -2.62
CA GLN A 413 35.21 6.76 -3.83
C GLN A 413 33.90 6.56 -4.59
N TRP A 414 32.76 6.75 -3.94
CA TRP A 414 31.46 6.55 -4.57
C TRP A 414 30.83 7.84 -5.05
N GLU A 415 31.49 8.99 -4.85
CA GLU A 415 30.86 10.27 -5.20
C GLU A 415 30.39 10.29 -6.66
N ASP A 416 31.26 9.93 -7.59
CA ASP A 416 30.89 10.03 -9.01
C ASP A 416 29.75 9.11 -9.34
N ALA A 417 29.74 7.90 -8.76
CA ALA A 417 28.64 6.97 -8.97
C ALA A 417 27.32 7.54 -8.49
N LEU A 418 27.31 8.21 -7.34
CA LEU A 418 26.04 8.65 -6.74
C LEU A 418 25.55 9.95 -7.37
N VAL A 419 26.44 10.88 -7.68
CA VAL A 419 26.04 12.06 -8.44
C VAL A 419 25.45 11.64 -9.79
N ASP A 420 26.04 10.63 -10.43
CA ASP A 420 25.53 10.18 -11.72
C ASP A 420 24.11 9.65 -11.59
N ARG A 421 23.85 8.86 -10.54
CA ARG A 421 22.49 8.39 -10.28
C ARG A 421 21.52 9.56 -10.17
N MET A 422 21.88 10.57 -9.39
CA MET A 422 21.00 11.73 -9.25
C MET A 422 20.84 12.47 -10.57
N ARG A 423 21.95 12.67 -11.29
CA ARG A 423 21.88 13.38 -12.56
C ARG A 423 20.90 12.71 -13.52
N ARG A 424 21.05 11.40 -13.72
CA ARG A 424 20.18 10.69 -14.65
C ARG A 424 18.73 10.71 -14.17
N THR A 425 18.51 10.61 -12.85
CA THR A 425 17.16 10.73 -12.32
C THR A 425 16.55 12.07 -12.70
N VAL A 426 17.26 13.16 -12.41
CA VAL A 426 16.70 14.48 -12.64
C VAL A 426 16.50 14.73 -14.12
N GLU A 427 17.51 14.44 -14.94
CA GLU A 427 17.44 14.80 -16.35
C GLU A 427 16.28 14.11 -17.04
N ARG A 428 16.00 12.85 -16.68
CA ARG A 428 15.01 12.09 -17.45
C ARG A 428 13.62 12.66 -17.29
N ASP A 429 13.29 13.17 -16.09
CA ASP A 429 11.91 13.46 -15.73
C ASP A 429 11.66 14.93 -15.44
N LYS A 430 12.63 15.81 -15.69
CA LYS A 430 12.55 17.20 -15.26
C LYS A 430 11.44 18.00 -15.94
N ASN A 431 10.79 17.50 -16.98
CA ASN A 431 9.79 18.28 -17.68
C ASN A 431 8.34 18.05 -17.20
N HIS A 432 8.14 17.22 -16.18
CA HIS A 432 6.80 16.77 -15.84
C HIS A 432 6.24 17.57 -14.68
N ALA A 433 5.13 18.26 -14.92
CA ALA A 433 4.45 19.00 -13.87
C ALA A 433 4.13 18.12 -12.65
N SER A 434 3.85 16.83 -12.87
CA SER A 434 3.45 15.99 -11.74
C SER A 434 4.58 15.81 -10.73
N VAL A 435 5.83 15.98 -11.13
CA VAL A 435 6.94 15.86 -10.19
C VAL A 435 7.03 17.17 -9.40
N VAL A 436 6.74 17.10 -8.09
CA VAL A 436 6.78 18.26 -7.23
C VAL A 436 7.91 18.19 -6.20
N MET A 437 8.63 17.09 -6.13
CA MET A 437 9.78 16.96 -5.25
C MET A 437 10.75 15.96 -5.86
N TRP A 438 12.03 16.23 -5.71
CA TRP A 438 13.09 15.27 -5.99
C TRP A 438 13.52 14.65 -4.67
N SER A 439 13.74 13.33 -4.67
CA SER A 439 14.22 12.64 -3.48
C SER A 439 15.58 12.00 -3.76
N LEU A 440 16.53 12.23 -2.85
CA LEU A 440 17.89 11.73 -3.02
C LEU A 440 17.99 10.21 -2.97
N GLY A 441 17.02 9.52 -2.38
CA GLY A 441 17.16 8.10 -2.13
C GLY A 441 16.38 7.69 -0.88
N ASN A 442 16.69 6.49 -0.39
CA ASN A 442 15.97 5.95 0.76
C ASN A 442 16.92 5.13 1.63
N GLU A 443 16.86 5.36 2.95
CA GLU A 443 17.63 4.61 3.94
C GLU A 443 19.08 4.39 3.50
N ALA A 444 19.74 5.52 3.24
CA ALA A 444 21.12 5.53 2.77
C ALA A 444 22.05 6.18 3.77
N GLY A 445 21.57 6.38 5.01
CA GLY A 445 22.36 7.05 6.03
C GLY A 445 22.56 8.54 5.70
N THR A 446 23.63 9.09 6.24
CA THR A 446 24.04 10.47 5.96
C THR A 446 25.47 10.44 5.45
N GLY A 447 25.84 11.44 4.64
CA GLY A 447 27.19 11.42 4.12
C GLY A 447 27.47 12.46 3.05
N ARG A 448 28.78 12.60 2.78
CA ARG A 448 29.27 13.58 1.82
CA ARG A 448 29.31 13.55 1.79
C ARG A 448 28.57 13.45 0.47
N ASN A 449 28.36 12.23 -0.02
CA ASN A 449 27.86 12.05 -1.37
C ASN A 449 26.39 12.44 -1.47
N LEU A 450 25.61 12.21 -0.40
CA LEU A 450 24.25 12.72 -0.36
C LEU A 450 24.23 14.24 -0.47
N ALA A 451 25.09 14.91 0.28
CA ALA A 451 25.17 16.36 0.18
C ALA A 451 25.54 16.79 -1.24
N ALA A 452 26.45 16.05 -1.87
CA ALA A 452 26.83 16.38 -3.26
C ALA A 452 25.66 16.17 -4.20
N MET A 453 24.85 15.13 -3.96
CA MET A 453 23.69 14.91 -4.82
C MET A 453 22.69 16.06 -4.66
N SER A 454 22.55 16.56 -3.43
CA SER A 454 21.63 17.66 -3.18
C SER A 454 22.14 18.94 -3.82
N ARG A 455 23.43 19.24 -3.62
CA ARG A 455 24.01 20.42 -4.24
CA ARG A 455 24.04 20.40 -4.24
C ARG A 455 23.81 20.41 -5.75
N TRP A 456 24.07 19.28 -6.39
CA TRP A 456 23.92 19.17 -7.84
C TRP A 456 22.49 19.45 -8.26
N THR A 457 21.53 18.89 -7.52
CA THR A 457 20.11 19.02 -7.87
C THR A 457 19.64 20.45 -7.67
N LYS A 458 20.06 21.12 -6.60
N LYS A 458 20.07 21.11 -6.59
CA LYS A 458 19.59 22.48 -6.36
CA LYS A 458 19.63 22.48 -6.33
C LYS A 458 20.11 23.42 -7.44
C LYS A 458 20.13 23.42 -7.41
N ASP A 459 21.35 23.21 -7.89
CA ASP A 459 21.90 24.04 -8.95
C ASP A 459 21.19 23.76 -10.27
N ARG A 460 20.94 22.51 -10.57
CA ARG A 460 20.36 22.10 -11.85
C ARG A 460 18.90 22.48 -11.97
N ASP A 461 18.09 22.29 -10.93
CA ASP A 461 16.65 22.49 -10.99
C ASP A 461 16.14 23.06 -9.67
N PRO A 462 16.26 24.37 -9.48
CA PRO A 462 15.77 24.98 -8.24
C PRO A 462 14.25 25.02 -8.11
N SER A 463 13.49 24.56 -9.12
CA SER A 463 12.05 24.72 -9.08
C SER A 463 11.33 23.64 -8.25
N ARG A 464 12.05 22.63 -7.75
CA ARG A 464 11.43 21.51 -7.04
C ARG A 464 12.16 21.30 -5.72
N PRO A 465 11.46 21.32 -4.59
CA PRO A 465 12.15 21.08 -3.31
C PRO A 465 12.74 19.69 -3.24
N ILE A 466 13.77 19.55 -2.43
CA ILE A 466 14.51 18.31 -2.29
C ILE A 466 14.04 17.58 -1.01
N HIS A 467 13.88 16.27 -1.13
CA HIS A 467 13.43 15.40 -0.06
C HIS A 467 14.47 14.33 0.23
N TYR A 468 14.69 14.05 1.53
CA TYR A 468 15.48 12.90 1.95
C TYR A 468 15.32 12.67 3.44
N GLU A 469 14.79 11.51 3.81
CA GLU A 469 14.49 11.22 5.22
C GLU A 469 15.70 10.78 6.03
N GLY A 470 16.75 10.25 5.38
CA GLY A 470 17.84 9.60 6.10
C GLY A 470 18.61 10.47 7.07
N ASP A 471 18.62 11.79 6.87
CA ASP A 471 19.36 12.73 7.73
C ASP A 471 18.34 13.62 8.44
N TRP A 472 18.07 13.31 9.71
CA TRP A 472 16.98 13.98 10.40
C TRP A 472 17.28 15.46 10.61
N SER A 473 18.56 15.83 10.77
CA SER A 473 18.90 17.24 10.83
C SER A 473 18.44 18.01 9.60
N SER A 474 18.18 17.34 8.48
CA SER A 474 17.62 17.98 7.28
C SER A 474 18.56 19.04 6.69
N GLU A 475 19.86 18.84 6.84
CA GLU A 475 20.81 19.89 6.46
C GLU A 475 20.81 20.18 4.96
N HIS A 476 20.51 19.18 4.13
CA HIS A 476 20.67 19.31 2.69
C HIS A 476 19.36 19.10 1.95
N VAL A 477 18.23 19.41 2.59
CA VAL A 477 16.91 19.21 2.03
C VAL A 477 16.08 20.45 2.32
N ASP A 478 14.90 20.49 1.72
CA ASP A 478 13.97 21.60 1.89
C ASP A 478 12.69 21.24 2.65
N VAL A 479 12.42 19.96 2.88
CA VAL A 479 11.31 19.54 3.71
C VAL A 479 11.86 18.62 4.79
N TYR A 480 11.17 18.62 5.93
CA TYR A 480 11.47 17.69 7.02
C TYR A 480 10.65 16.44 6.80
N SER A 481 11.31 15.30 6.64
CA SER A 481 10.64 14.05 6.34
C SER A 481 10.95 12.98 7.38
N ARG A 482 9.93 12.22 7.77
CA ARG A 482 10.10 11.10 8.68
C ARG A 482 9.29 9.92 8.19
N MET A 483 9.64 8.73 8.67
CA MET A 483 8.87 7.53 8.39
C MET A 483 8.38 6.90 9.70
N TYR A 484 7.08 6.65 9.75
CA TYR A 484 6.42 5.96 10.85
C TYR A 484 6.57 6.69 12.18
N ALA A 485 6.77 8.01 12.18
CA ALA A 485 6.69 8.74 13.43
C ALA A 485 5.29 8.56 14.02
N SER A 486 5.24 8.40 15.34
CA SER A 486 3.99 8.11 16.00
C SER A 486 2.99 9.24 15.81
N GLN A 487 1.70 8.93 16.00
CA GLN A 487 0.70 9.99 16.01
C GLN A 487 1.07 11.08 17.01
N ALA A 488 1.64 10.70 18.16
CA ALA A 488 2.00 11.68 19.18
C ALA A 488 3.10 12.61 18.69
N GLU A 489 4.21 12.05 18.20
CA GLU A 489 5.29 12.91 17.74
C GLU A 489 4.86 13.78 16.57
N THR A 490 4.02 13.24 15.66
CA THR A 490 3.49 14.02 14.56
C THR A 490 2.69 15.23 15.05
N ALA A 491 1.94 15.06 16.13
CA ALA A 491 1.18 16.20 16.67
C ALA A 491 2.12 17.27 17.22
N LEU A 492 3.25 16.86 17.81
CA LEU A 492 4.19 17.85 18.32
C LEU A 492 4.86 18.59 17.17
N ILE A 493 5.20 17.87 16.11
CA ILE A 493 5.81 18.48 14.94
C ILE A 493 4.83 19.43 14.27
N GLY A 494 3.57 19.02 14.14
CA GLY A 494 2.58 19.89 13.52
C GLY A 494 2.42 21.22 14.22
N GLN A 495 2.64 21.24 15.53
CA GLN A 495 2.58 22.46 16.32
C GLN A 495 3.92 23.16 16.41
N GLY A 496 4.99 22.56 15.86
CA GLY A 496 6.30 23.19 15.87
C GLY A 496 6.97 23.20 17.21
N ILE A 497 6.65 22.23 18.08
CA ILE A 497 7.19 22.19 19.43
C ILE A 497 8.02 20.92 19.66
N GLU A 498 8.45 20.27 18.58
CA GLU A 498 9.32 19.13 18.77
C GLU A 498 10.64 19.64 19.35
N PRO A 499 11.50 18.75 19.81
CA PRO A 499 12.74 19.20 20.46
C PRO A 499 13.73 19.78 19.46
N ALA A 500 14.58 20.68 19.96
CA ALA A 500 15.54 21.35 19.12
C ALA A 500 16.67 20.43 18.70
N LEU A 501 17.20 20.69 17.51
CA LEU A 501 18.50 20.16 17.12
C LEU A 501 19.60 20.83 17.93
N ASN A 502 20.71 20.11 18.13
CA ASN A 502 21.81 20.69 18.89
C ASN A 502 22.42 21.91 18.20
N ASP A 503 22.33 21.96 16.87
CA ASP A 503 22.85 23.09 16.11
C ASP A 503 21.73 24.12 15.91
N ALA A 504 21.84 25.25 16.59
CA ALA A 504 20.84 26.30 16.50
C ALA A 504 20.54 26.69 15.06
N ALA A 505 21.58 26.81 14.22
CA ALA A 505 21.35 27.19 12.83
C ALA A 505 20.54 26.14 12.10
N LEU A 506 20.88 24.86 12.28
CA LEU A 506 20.13 23.81 11.61
C LEU A 506 18.72 23.69 12.19
N ASP A 507 18.58 23.89 13.51
CA ASP A 507 17.25 23.84 14.11
C ASP A 507 16.35 24.91 13.53
N ALA A 508 16.84 26.15 13.47
CA ALA A 508 16.09 27.24 12.85
C ALA A 508 15.67 26.88 11.43
N ARG A 509 16.56 26.26 10.65
CA ARG A 509 16.21 25.86 9.29
CA ARG A 509 16.19 25.88 9.29
C ARG A 509 15.10 24.82 9.30
N ARG A 510 15.26 23.78 10.10
CA ARG A 510 14.27 22.71 10.07
C ARG A 510 12.91 23.16 10.61
N ARG A 511 12.89 24.08 11.57
CA ARG A 511 11.61 24.56 12.08
C ARG A 511 10.85 25.34 11.02
N ALA A 512 11.56 25.97 10.10
CA ALA A 512 10.93 26.69 9.00
C ALA A 512 10.46 25.76 7.88
N MET A 513 10.70 24.45 8.00
CA MET A 513 10.32 23.49 6.96
C MET A 513 8.94 22.88 7.24
N PRO A 514 8.16 22.64 6.21
CA PRO A 514 6.98 21.78 6.34
C PRO A 514 7.40 20.34 6.51
N PHE A 515 6.44 19.51 6.98
CA PHE A 515 6.72 18.15 7.44
C PHE A 515 5.90 17.12 6.66
N VAL A 516 6.56 16.07 6.22
CA VAL A 516 5.90 15.00 5.46
C VAL A 516 6.26 13.65 6.06
N LEU A 517 5.27 12.76 6.13
CA LEU A 517 5.51 11.36 6.46
C LEU A 517 5.71 10.63 5.14
N CYS A 518 6.97 10.39 4.74
CA CYS A 518 7.20 9.72 3.48
C CYS A 518 6.72 8.29 3.50
N GLN A 519 6.57 7.71 4.70
CA GLN A 519 6.02 6.37 4.88
C GLN A 519 5.30 6.35 6.23
N TYR A 520 4.07 5.83 6.27
CA TYR A 520 3.33 5.71 7.53
C TYR A 520 2.21 4.69 7.36
N VAL A 521 1.58 4.34 8.47
CA VAL A 521 0.46 3.37 8.60
C VAL A 521 0.78 2.11 7.78
N HIS A 522 1.92 1.50 8.05
CA HIS A 522 2.34 0.27 7.39
C HIS A 522 1.17 -0.70 7.23
N ALA A 523 0.89 -1.06 5.98
CA ALA A 523 -0.36 -1.72 5.59
C ALA A 523 -0.21 -3.22 5.46
N MET A 524 0.58 -3.85 6.31
CA MET A 524 0.85 -5.28 6.21
C MET A 524 -0.25 -6.08 6.91
N GLY A 525 -0.87 -7.00 6.16
CA GLY A 525 -1.88 -7.88 6.71
C GLY A 525 -3.10 -7.14 7.21
N ASN A 526 -3.69 -7.67 8.30
CA ASN A 526 -4.88 -7.09 8.88
C ASN A 526 -4.55 -5.72 9.46
N GLY A 527 -5.20 -4.68 8.93
CA GLY A 527 -4.86 -3.31 9.22
C GLY A 527 -4.81 -2.48 7.94
N PRO A 528 -4.24 -1.26 8.00
CA PRO A 528 -3.58 -0.64 9.15
C PRO A 528 -4.53 0.08 10.10
N GLY A 529 -4.21 0.02 11.38
CA GLY A 529 -4.93 0.76 12.38
C GLY A 529 -4.29 2.11 12.65
N GLY A 530 -5.10 3.01 13.21
CA GLY A 530 -4.65 4.31 13.60
C GLY A 530 -4.57 5.34 12.48
N MET A 531 -5.16 5.06 11.32
CA MET A 531 -5.14 6.01 10.21
C MET A 531 -5.90 7.28 10.56
N SER A 532 -7.01 7.14 11.29
CA SER A 532 -7.86 8.30 11.55
C SER A 532 -7.15 9.34 12.40
N GLU A 533 -6.33 8.88 13.34
CA GLU A 533 -5.66 9.80 14.25
C GLU A 533 -4.58 10.62 13.53
N TYR A 534 -3.90 10.01 12.57
CA TYR A 534 -3.00 10.79 11.71
C TYR A 534 -3.79 11.83 10.92
N GLN A 535 -4.88 11.41 10.29
CA GLN A 535 -5.58 12.28 9.36
C GLN A 535 -6.13 13.51 10.04
N ALA A 536 -6.61 13.37 11.29
CA ALA A 536 -7.09 14.52 12.03
C ALA A 536 -5.99 15.55 12.22
N LEU A 537 -4.77 15.09 12.45
CA LEU A 537 -3.64 16.00 12.61
C LEU A 537 -3.33 16.69 11.29
N PHE A 538 -3.35 15.93 10.19
CA PHE A 538 -3.10 16.53 8.89
C PHE A 538 -4.05 17.69 8.62
N GLU A 539 -5.34 17.53 8.96
CA GLU A 539 -6.31 18.58 8.73
C GLU A 539 -6.12 19.75 9.68
N LYS A 540 -5.66 19.49 10.89
CA LYS A 540 -5.56 20.53 11.91
C LYS A 540 -4.33 21.43 11.71
N TYR A 541 -3.20 20.86 11.30
CA TYR A 541 -1.93 21.57 11.38
C TYR A 541 -1.35 21.87 9.99
N PRO A 542 -1.26 23.14 9.57
CA PRO A 542 -0.77 23.44 8.21
C PRO A 542 0.63 22.94 7.91
N ARG A 543 1.53 22.93 8.90
CA ARG A 543 2.89 22.46 8.65
C ARG A 543 2.92 21.01 8.19
N LEU A 544 1.92 20.21 8.56
CA LEU A 544 1.85 18.82 8.14
C LEU A 544 1.38 18.75 6.69
N MET A 545 2.22 18.19 5.83
CA MET A 545 1.92 18.07 4.41
C MET A 545 1.07 16.85 4.09
N GLY A 546 0.95 15.92 5.02
CA GLY A 546 0.32 14.65 4.77
C GLY A 546 1.30 13.50 4.88
N GLY A 547 0.96 12.42 4.19
CA GLY A 547 1.75 11.20 4.31
C GLY A 547 1.47 10.25 3.17
N PHE A 548 2.40 9.32 2.99
CA PHE A 548 2.33 8.31 1.94
C PHE A 548 2.30 6.95 2.61
N VAL A 549 1.26 6.17 2.36
CA VAL A 549 1.12 4.86 2.99
C VAL A 549 2.22 3.94 2.48
N TRP A 550 2.81 3.16 3.38
CA TRP A 550 3.65 2.04 2.99
C TRP A 550 2.81 0.76 3.00
N GLU A 551 2.54 0.18 1.83
CA GLU A 551 2.86 0.67 0.48
C GLU A 551 1.66 0.33 -0.40
N TRP A 552 1.72 0.75 -1.66
CA TRP A 552 0.59 0.53 -2.56
C TRP A 552 0.28 -0.96 -2.70
N LEU A 553 1.28 -1.78 -3.02
CA LEU A 553 1.01 -3.16 -3.38
C LEU A 553 1.87 -4.16 -2.61
N GLU A 554 1.33 -5.38 -2.53
CA GLU A 554 2.08 -6.55 -2.09
C GLU A 554 2.88 -7.11 -3.25
N HIS A 555 4.13 -7.47 -2.96
CA HIS A 555 5.00 -8.10 -3.94
C HIS A 555 4.81 -9.62 -3.95
N GLY A 556 3.57 -10.09 -3.95
CA GLY A 556 3.34 -11.52 -4.10
C GLY A 556 3.81 -11.99 -5.46
N ILE A 557 4.38 -13.20 -5.48
CA ILE A 557 4.80 -13.86 -6.72
C ILE A 557 3.95 -15.12 -6.88
N THR A 558 3.30 -15.24 -8.04
CA THR A 558 2.38 -16.35 -8.26
C THR A 558 3.13 -17.68 -8.33
N VAL A 559 2.62 -18.65 -7.58
CA VAL A 559 3.14 -20.01 -7.53
C VAL A 559 1.99 -20.96 -7.85
N SER A 560 2.24 -21.95 -8.70
CA SER A 560 1.21 -22.87 -9.16
C SER A 560 1.56 -24.29 -8.73
N THR A 561 0.61 -24.95 -8.06
CA THR A 561 0.83 -26.29 -7.53
C THR A 561 0.43 -27.35 -8.55
N ALA A 562 0.63 -28.63 -8.17
CA ALA A 562 0.26 -29.74 -9.05
C ALA A 562 -1.23 -29.74 -9.33
N ASP A 563 -2.04 -29.49 -8.30
CA ASP A 563 -3.49 -29.37 -8.51
C ASP A 563 -3.81 -28.33 -9.58
N GLY A 564 -3.00 -27.28 -9.67
CA GLY A 564 -3.28 -26.15 -10.54
C GLY A 564 -3.75 -24.91 -9.81
N VAL A 565 -3.89 -24.99 -8.49
CA VAL A 565 -4.34 -23.85 -7.69
C VAL A 565 -3.18 -22.88 -7.51
N ASP A 566 -3.43 -21.61 -7.81
CA ASP A 566 -2.43 -20.57 -7.65
C ASP A 566 -2.53 -19.95 -6.26
N HIS A 567 -1.38 -19.53 -5.75
CA HIS A 567 -1.31 -18.74 -4.54
C HIS A 567 -0.06 -17.88 -4.63
N TYR A 568 -0.03 -16.81 -3.85
CA TYR A 568 1.16 -15.96 -3.82
C TYR A 568 2.22 -16.55 -2.90
N GLY A 569 3.46 -16.49 -3.36
CA GLY A 569 4.61 -16.80 -2.53
C GLY A 569 5.28 -15.53 -2.05
N TYR A 570 6.21 -15.74 -1.12
CA TYR A 570 6.96 -14.62 -0.54
C TYR A 570 8.35 -15.11 -0.18
N GLY A 571 9.09 -14.30 0.57
CA GLY A 571 10.45 -14.64 0.94
C GLY A 571 10.54 -16.03 1.55
N GLY A 572 11.53 -16.81 1.10
CA GLY A 572 11.72 -18.16 1.58
C GLY A 572 10.97 -19.20 0.80
N ASP A 573 10.02 -18.82 -0.05
CA ASP A 573 9.31 -19.79 -0.88
C ASP A 573 10.07 -20.13 -2.15
N PHE A 574 11.29 -19.59 -2.33
CA PHE A 574 12.07 -19.83 -3.52
C PHE A 574 13.48 -20.31 -3.18
N GLY A 575 13.66 -20.89 -1.98
CA GLY A 575 14.90 -21.50 -1.60
C GLY A 575 15.97 -20.56 -1.06
N GLU A 576 15.61 -19.33 -0.69
CA GLU A 576 16.63 -18.39 -0.28
C GLU A 576 17.34 -18.88 0.97
N GLU A 577 18.66 -18.72 1.01
CA GLU A 577 19.41 -18.99 2.22
C GLU A 577 19.10 -17.95 3.29
N VAL A 578 19.05 -16.69 2.91
CA VAL A 578 18.67 -15.60 3.81
C VAL A 578 17.51 -14.85 3.17
N HIS A 579 16.50 -14.55 3.98
CA HIS A 579 15.29 -13.92 3.46
C HIS A 579 14.50 -13.34 4.63
N ASP A 580 13.42 -12.64 4.28
CA ASP A 580 12.64 -11.92 5.28
C ASP A 580 11.15 -12.24 5.17
N GLY A 581 10.83 -13.42 4.66
CA GLY A 581 9.48 -13.94 4.76
C GLY A 581 8.46 -13.10 4.04
N ASN A 582 7.30 -12.92 4.69
CA ASN A 582 6.17 -12.24 4.07
C ASN A 582 6.22 -10.72 4.28
N PHE A 583 7.38 -10.18 4.67
CA PHE A 583 7.49 -8.74 4.86
C PHE A 583 7.46 -7.98 3.53
N VAL A 584 7.48 -8.67 2.41
CA VAL A 584 7.33 -8.02 1.11
C VAL A 584 5.88 -8.01 0.66
N THR A 585 4.99 -8.73 1.36
CA THR A 585 3.55 -8.66 1.10
C THR A 585 2.95 -7.76 2.17
N ASP A 586 2.99 -6.46 1.92
CA ASP A 586 2.71 -5.43 2.94
C ASP A 586 1.96 -4.25 2.35
N GLY A 587 1.00 -4.50 1.45
CA GLY A 587 0.39 -3.45 0.67
C GLY A 587 -1.11 -3.30 0.87
N LEU A 588 -1.64 -2.23 0.24
CA LEU A 588 -3.07 -1.94 0.26
C LEU A 588 -3.82 -2.75 -0.78
N VAL A 589 -3.14 -3.29 -1.78
CA VAL A 589 -3.72 -4.18 -2.79
C VAL A 589 -2.80 -5.39 -2.91
N ASP A 590 -3.34 -6.49 -3.41
CA ASP A 590 -2.48 -7.63 -3.63
C ASP A 590 -1.73 -7.45 -4.95
N ALA A 591 -0.89 -8.42 -5.29
CA ALA A 591 -0.01 -8.25 -6.45
C ALA A 591 -0.80 -8.07 -7.73
N ASP A 592 -2.00 -8.62 -7.78
CA ASP A 592 -2.87 -8.45 -8.94
C ASP A 592 -3.79 -7.25 -8.80
N ARG A 593 -3.52 -6.37 -7.84
CA ARG A 593 -4.23 -5.11 -7.65
C ARG A 593 -5.66 -5.31 -7.15
N ARG A 594 -5.93 -6.42 -6.46
CA ARG A 594 -7.21 -6.55 -5.77
C ARG A 594 -7.13 -5.82 -4.42
N PRO A 595 -8.07 -4.93 -4.12
CA PRO A 595 -7.97 -4.17 -2.86
C PRO A 595 -7.97 -5.06 -1.64
N ARG A 596 -7.14 -4.70 -0.66
CA ARG A 596 -7.29 -5.17 0.69
C ARG A 596 -8.27 -4.28 1.43
N PRO A 597 -8.83 -4.76 2.54
CA PRO A 597 -9.73 -3.91 3.33
C PRO A 597 -9.11 -2.59 3.73
N GLY A 598 -7.83 -2.58 4.06
CA GLY A 598 -7.15 -1.33 4.40
C GLY A 598 -7.25 -0.26 3.32
N LEU A 599 -7.32 -0.67 2.05
CA LEU A 599 -7.50 0.33 0.99
C LEU A 599 -8.91 0.92 1.05
N LEU A 600 -9.91 0.06 1.29
CA LEU A 600 -11.27 0.54 1.41
C LEU A 600 -11.40 1.50 2.58
N ASP A 601 -10.72 1.19 3.69
CA ASP A 601 -10.69 2.10 4.82
C ASP A 601 -9.92 3.38 4.47
N PHE A 602 -8.77 3.25 3.79
CA PHE A 602 -7.96 4.41 3.46
C PHE A 602 -8.76 5.42 2.63
N LYS A 603 -9.49 4.93 1.61
CA LYS A 603 -10.25 5.85 0.76
C LYS A 603 -11.18 6.72 1.58
N LYS A 604 -11.87 6.10 2.54
CA LYS A 604 -12.75 6.86 3.43
C LYS A 604 -11.97 7.84 4.29
N VAL A 605 -10.83 7.42 4.83
CA VAL A 605 -10.08 8.27 5.74
C VAL A 605 -9.63 9.55 5.04
N ILE A 606 -9.19 9.44 3.78
CA ILE A 606 -8.67 10.60 3.06
C ILE A 606 -9.73 11.26 2.18
N GLU A 607 -11.00 10.93 2.35
CA GLU A 607 -12.01 11.46 1.44
C GLU A 607 -11.94 12.99 1.41
N PRO A 608 -12.06 13.61 0.23
CA PRO A 608 -11.78 15.05 0.13
C PRO A 608 -12.93 15.95 0.56
N LEU A 609 -14.10 15.39 0.85
CA LEU A 609 -15.23 16.12 1.36
C LEU A 609 -15.69 15.45 2.65
N ARG A 610 -16.15 16.25 3.61
CA ARG A 610 -16.66 15.73 4.87
C ARG A 610 -18.15 16.01 4.92
N ILE A 611 -18.95 14.96 5.11
CA ILE A 611 -20.41 15.04 5.11
C ILE A 611 -20.88 14.58 6.49
N ASP A 612 -21.41 15.51 7.29
CA ASP A 612 -21.89 15.22 8.63
C ASP A 612 -23.42 15.33 8.65
N VAL A 613 -24.09 14.19 8.72
CA VAL A 613 -25.54 14.15 8.59
C VAL A 613 -26.18 14.48 9.93
N ALA A 614 -27.17 15.35 9.91
CA ALA A 614 -27.81 15.79 11.14
C ALA A 614 -28.61 14.65 11.77
N ARG A 615 -28.61 14.60 13.12
CA ARG A 615 -29.29 13.53 13.81
CA ARG A 615 -29.30 13.54 13.83
C ARG A 615 -30.80 13.53 13.51
N ASP A 616 -31.39 14.70 13.30
CA ASP A 616 -32.82 14.79 13.00
C ASP A 616 -33.12 14.63 11.51
N TRP A 617 -32.13 14.28 10.71
CA TRP A 617 -32.30 14.00 9.28
C TRP A 617 -32.82 15.21 8.49
N THR A 618 -32.65 16.43 9.00
CA THR A 618 -33.12 17.59 8.26
C THR A 618 -32.10 18.11 7.24
N GLY A 619 -30.84 17.71 7.34
CA GLY A 619 -29.80 18.28 6.50
C GLY A 619 -28.47 17.64 6.82
N PHE A 620 -27.42 18.13 6.16
CA PHE A 620 -26.07 17.70 6.45
C PHE A 620 -25.11 18.87 6.33
N THR A 621 -24.04 18.83 7.12
CA THR A 621 -22.96 19.78 7.02
C THR A 621 -21.96 19.24 5.99
N LEU A 622 -21.51 20.09 5.10
CA LEU A 622 -20.62 19.73 4.01
C LEU A 622 -19.40 20.63 4.03
N ARG A 623 -18.23 20.04 4.27
CA ARG A 623 -16.96 20.75 4.20
C ARG A 623 -16.22 20.32 2.95
N ASN A 624 -15.84 21.27 2.11
CA ASN A 624 -14.99 20.97 0.97
C ASN A 624 -13.55 20.94 1.43
N GLY A 625 -12.96 19.74 1.50
CA GLY A 625 -11.59 19.57 1.91
C GLY A 625 -10.56 19.75 0.81
N GLN A 626 -11.00 19.95 -0.43
CA GLN A 626 -10.09 20.11 -1.55
C GLN A 626 -9.28 21.40 -1.40
N ASP A 627 -8.19 21.48 -2.16
CA ASP A 627 -7.31 22.63 -2.11
C ASP A 627 -7.56 23.65 -3.22
N PHE A 628 -8.06 23.22 -4.40
CA PHE A 628 -8.30 24.12 -5.53
C PHE A 628 -9.73 24.05 -6.08
N ALA A 629 -10.32 22.85 -6.17
CA ALA A 629 -11.63 22.71 -6.81
C ALA A 629 -12.76 23.00 -5.83
N ASP A 630 -13.89 23.47 -6.37
CA ASP A 630 -15.11 23.58 -5.61
C ASP A 630 -15.84 22.24 -5.68
N THR A 631 -17.14 22.20 -5.40
CA THR A 631 -17.90 20.96 -5.35
C THR A 631 -18.73 20.71 -6.60
N SER A 632 -18.51 21.50 -7.66
CA SER A 632 -19.38 21.41 -8.85
C SER A 632 -19.25 20.10 -9.60
N ALA A 633 -18.13 19.38 -9.46
CA ALA A 633 -18.02 18.06 -10.08
C ALA A 633 -18.92 17.00 -9.44
N PHE A 634 -19.54 17.28 -8.31
CA PHE A 634 -20.18 16.24 -7.51
C PHE A 634 -21.69 16.35 -7.56
N SER A 635 -22.35 15.20 -7.63
CA SER A 635 -23.78 15.09 -7.41
C SER A 635 -24.02 14.56 -6.00
N PHE A 636 -24.90 15.21 -5.27
CA PHE A 636 -25.16 14.87 -3.88
C PHE A 636 -26.47 14.12 -3.79
N ARG A 637 -26.40 12.88 -3.32
CA ARG A 637 -27.53 11.96 -3.33
C ARG A 637 -27.79 11.47 -1.92
N TYR A 638 -29.06 11.19 -1.64
CA TYR A 638 -29.49 10.70 -0.34
C TYR A 638 -30.32 9.45 -0.53
N GLU A 639 -30.30 8.57 0.48
CA GLU A 639 -31.16 7.41 0.48
C GLU A 639 -31.42 6.96 1.92
N VAL A 640 -32.69 6.65 2.18
CA VAL A 640 -33.11 6.07 3.44
C VAL A 640 -33.38 4.59 3.20
N GLU A 641 -32.68 3.72 3.94
CA GLU A 641 -32.86 2.29 3.81
C GLU A 641 -33.39 1.70 5.12
N ALA A 642 -34.28 0.72 4.98
CA ALA A 642 -34.83 0.01 6.11
C ALA A 642 -34.76 -1.48 5.83
N ASP A 643 -35.23 -2.28 6.79
CA ASP A 643 -35.22 -3.73 6.63
C ASP A 643 -35.84 -4.14 5.29
N GLY A 644 -36.96 -3.52 4.93
CA GLY A 644 -37.65 -3.87 3.69
C GLY A 644 -36.97 -3.36 2.43
N GLY A 645 -36.02 -2.43 2.55
CA GLY A 645 -35.33 -1.88 1.40
C GLY A 645 -35.35 -0.37 1.44
N ALA A 646 -35.16 0.24 0.27
CA ALA A 646 -35.15 1.69 0.17
C ALA A 646 -36.54 2.26 0.44
N LEU A 647 -36.60 3.25 1.33
CA LEU A 647 -37.85 3.96 1.60
C LEU A 647 -37.95 5.29 0.87
N ASP A 648 -36.83 5.98 0.64
CA ASP A 648 -36.82 7.28 -0.01
C ASP A 648 -35.41 7.53 -0.53
N GLY A 649 -35.32 8.36 -1.55
CA GLY A 649 -34.03 8.65 -2.15
C GLY A 649 -34.18 9.72 -3.21
N GLY A 650 -33.05 10.35 -3.52
CA GLY A 650 -33.06 11.44 -4.48
C GLY A 650 -31.74 12.18 -4.50
N THR A 651 -31.78 13.39 -5.09
CA THR A 651 -30.64 14.27 -5.26
C THR A 651 -30.97 15.63 -4.66
N VAL A 652 -29.94 16.32 -4.17
CA VAL A 652 -30.11 17.66 -3.61
C VAL A 652 -29.12 18.61 -4.28
N ASP A 653 -29.57 19.84 -4.53
CA ASP A 653 -28.79 20.84 -5.25
C ASP A 653 -27.93 21.63 -4.26
N VAL A 654 -26.62 21.57 -4.44
CA VAL A 654 -25.68 22.20 -3.53
C VAL A 654 -24.96 23.32 -4.29
N ALA A 655 -25.29 24.57 -3.97
CA ALA A 655 -24.54 25.68 -4.52
C ALA A 655 -23.05 25.46 -4.28
N PRO A 656 -22.19 25.58 -5.29
CA PRO A 656 -20.80 25.13 -5.17
C PRO A 656 -20.10 25.70 -3.95
N VAL A 657 -19.40 24.82 -3.24
CA VAL A 657 -18.69 25.19 -2.02
C VAL A 657 -17.23 25.35 -2.35
N ALA A 658 -16.68 26.52 -2.00
CA ALA A 658 -15.28 26.80 -2.32
C ALA A 658 -14.36 25.83 -1.58
N PRO A 659 -13.14 25.64 -2.08
CA PRO A 659 -12.18 24.82 -1.35
C PRO A 659 -11.93 25.38 0.05
N GLN A 660 -11.86 24.47 1.03
CA GLN A 660 -11.64 24.83 2.43
C GLN A 660 -12.80 25.61 3.03
N SER A 661 -13.99 25.54 2.41
CA SER A 661 -15.18 26.17 2.95
C SER A 661 -16.21 25.12 3.32
N GLU A 662 -17.26 25.60 3.99
CA GLU A 662 -18.23 24.76 4.67
C GLU A 662 -19.61 25.35 4.45
N THR A 663 -20.63 24.49 4.41
CA THR A 663 -22.01 24.96 4.36
C THR A 663 -22.92 23.89 4.98
N VAL A 664 -24.16 24.28 5.25
CA VAL A 664 -25.18 23.33 5.74
C VAL A 664 -26.22 23.20 4.64
N VAL A 665 -26.44 21.97 4.19
CA VAL A 665 -27.38 21.67 3.11
C VAL A 665 -28.65 21.10 3.71
N GLU A 666 -29.79 21.73 3.40
CA GLU A 666 -31.09 21.20 3.77
C GLU A 666 -31.42 19.97 2.94
N LEU A 667 -31.91 18.90 3.61
CA LEU A 667 -32.44 17.74 2.90
C LEU A 667 -33.93 17.92 2.62
N PRO A 668 -34.48 17.21 1.65
CA PRO A 668 -35.91 17.33 1.37
C PRO A 668 -36.76 16.90 2.57
N GLY A 669 -37.83 17.65 2.80
CA GLY A 669 -38.63 17.45 4.00
C GLY A 669 -39.12 16.02 4.21
N SER A 670 -39.28 15.27 3.13
CA SER A 670 -39.76 13.89 3.25
C SER A 670 -38.83 13.05 4.12
N VAL A 671 -37.52 13.34 4.08
CA VAL A 671 -36.56 12.53 4.82
C VAL A 671 -36.75 12.69 6.33
N ALA A 672 -36.71 13.94 6.81
CA ALA A 672 -36.97 14.20 8.22
C ALA A 672 -38.33 13.63 8.63
N ALA A 673 -39.38 13.98 7.88
CA ALA A 673 -40.72 13.46 8.19
C ALA A 673 -40.71 11.94 8.31
N LEU A 674 -39.97 11.27 7.42
CA LEU A 674 -39.84 9.82 7.51
C LEU A 674 -39.20 9.44 8.84
N ALA A 675 -38.11 10.12 9.22
CA ALA A 675 -37.46 9.84 10.49
C ALA A 675 -38.42 9.98 11.66
N ALA A 676 -39.14 11.11 11.71
CA ALA A 676 -40.06 11.35 12.82
C ALA A 676 -41.14 10.29 12.91
N GLY A 677 -41.50 9.68 11.77
CA GLY A 677 -42.59 8.71 11.76
C GLY A 677 -42.17 7.29 12.06
N LEU A 678 -40.89 7.00 12.15
CA LEU A 678 -40.46 5.64 12.47
C LEU A 678 -40.89 5.31 13.90
N SER A 679 -41.52 4.15 14.06
CA SER A 679 -41.75 3.64 15.40
C SER A 679 -40.39 3.44 16.10
N ASP A 680 -40.40 3.57 17.42
CA ASP A 680 -39.16 3.43 18.17
C ASP A 680 -38.64 2.00 18.06
N GLY A 681 -37.31 1.87 17.91
CA GLY A 681 -36.67 0.59 17.80
C GLY A 681 -36.60 0.02 16.39
N ARG A 682 -37.34 0.59 15.44
CA ARG A 682 -37.22 0.17 14.06
C ARG A 682 -35.92 0.73 13.48
N PRO A 683 -35.03 -0.09 12.93
CA PRO A 683 -33.77 0.43 12.41
C PRO A 683 -33.95 1.07 11.04
N ALA A 684 -33.22 2.16 10.81
CA ALA A 684 -33.25 2.86 9.53
C ALA A 684 -31.96 3.66 9.38
N VAL A 685 -31.44 3.71 8.16
CA VAL A 685 -30.15 4.31 7.87
C VAL A 685 -30.33 5.37 6.78
N LEU A 686 -29.91 6.59 7.08
CA LEU A 686 -29.87 7.67 6.11
C LEU A 686 -28.42 7.82 5.64
N THR A 687 -28.21 7.72 4.33
CA THR A 687 -26.88 7.87 3.76
C THR A 687 -26.89 9.02 2.75
N VAL A 688 -25.88 9.89 2.84
CA VAL A 688 -25.69 10.98 1.90
C VAL A 688 -24.35 10.77 1.22
N ARG A 689 -24.35 10.83 -0.11
CA ARG A 689 -23.18 10.46 -0.90
C ARG A 689 -22.83 11.58 -1.88
N ALA A 690 -21.54 11.76 -2.06
CA ALA A 690 -20.99 12.65 -3.08
C ALA A 690 -20.38 11.77 -4.18
N VAL A 691 -20.99 11.80 -5.37
CA VAL A 691 -20.55 10.98 -6.48
C VAL A 691 -20.20 11.91 -7.64
N LEU A 692 -19.42 11.39 -8.59
CA LEU A 692 -19.13 12.16 -9.80
C LEU A 692 -20.42 12.41 -10.58
N GLY A 693 -20.68 13.69 -10.86
CA GLY A 693 -21.78 14.01 -11.75
C GLY A 693 -21.56 13.49 -13.16
N ALA A 694 -20.30 13.43 -13.59
CA ALA A 694 -19.99 13.02 -14.96
C ALA A 694 -18.72 12.18 -14.99
N ASP A 695 -18.59 11.39 -16.04
CA ASP A 695 -17.36 10.64 -16.29
C ASP A 695 -16.15 11.55 -16.12
N SER A 696 -15.11 11.01 -15.50
CA SER A 696 -13.80 11.63 -15.47
C SER A 696 -12.82 10.72 -16.18
N ALA A 697 -11.56 11.14 -16.25
CA ALA A 697 -10.53 10.31 -16.85
C ALA A 697 -10.25 9.04 -16.05
N TRP A 698 -10.66 8.98 -14.78
CA TRP A 698 -10.30 7.88 -13.91
C TRP A 698 -11.50 7.11 -13.35
N ALA A 699 -12.73 7.53 -13.63
CA ALA A 699 -13.91 6.81 -13.19
C ALA A 699 -15.14 7.33 -13.94
N ASP A 700 -16.23 6.57 -13.84
CA ASP A 700 -17.48 6.91 -14.52
C ASP A 700 -18.39 7.72 -13.61
N ALA A 701 -19.35 8.40 -14.23
CA ALA A 701 -20.35 9.13 -13.48
C ALA A 701 -21.00 8.22 -12.43
N GLY A 702 -21.27 8.77 -11.26
CA GLY A 702 -21.82 8.00 -10.16
C GLY A 702 -20.78 7.35 -9.27
N HIS A 703 -19.50 7.46 -9.60
CA HIS A 703 -18.46 6.93 -8.73
C HIS A 703 -18.49 7.66 -7.38
N GLU A 704 -18.46 6.89 -6.30
CA GLU A 704 -18.57 7.48 -4.98
C GLU A 704 -17.24 8.04 -4.51
N VAL A 705 -17.26 9.28 -4.04
CA VAL A 705 -16.07 9.97 -3.55
C VAL A 705 -16.10 10.13 -2.03
N ALA A 706 -17.24 10.55 -1.49
CA ALA A 706 -17.40 10.76 -0.06
C ALA A 706 -18.81 10.38 0.37
N TRP A 707 -18.98 10.15 1.68
CA TRP A 707 -20.30 9.81 2.19
C TRP A 707 -20.37 10.08 3.69
N GLY A 708 -21.61 10.17 4.17
CA GLY A 708 -21.88 10.26 5.60
C GLY A 708 -23.24 9.69 5.88
N GLN A 709 -23.43 9.28 7.14
CA GLN A 709 -24.65 8.57 7.54
C GLN A 709 -25.16 9.06 8.88
N SER A 710 -26.47 8.92 9.06
CA SER A 710 -27.12 9.01 10.36
C SER A 710 -28.00 7.78 10.53
N VAL A 711 -27.85 7.09 11.67
CA VAL A 711 -28.52 5.81 11.91
C VAL A 711 -29.49 5.94 13.06
N ARG A 712 -30.70 5.40 12.87
CA ARG A 712 -31.61 5.10 13.97
C ARG A 712 -31.44 3.62 14.31
N GLU A 713 -30.91 3.35 15.49
CA GLU A 713 -30.48 2.00 15.85
C GLU A 713 -31.68 1.12 16.21
N PRO A 714 -31.59 -0.18 15.95
CA PRO A 714 -32.64 -1.09 16.39
C PRO A 714 -32.69 -1.15 17.91
N GLY A 715 -33.91 -1.31 18.42
CA GLY A 715 -34.08 -1.45 19.86
C GLY A 715 -33.21 -2.54 20.43
N ALA A 716 -32.90 -2.45 21.72
CA ALA A 716 -32.16 -3.52 22.36
C ALA A 716 -33.00 -4.80 22.34
N PRO A 717 -32.38 -5.97 22.20
CA PRO A 717 -33.15 -7.22 22.16
C PRO A 717 -33.78 -7.52 23.50
N VAL A 718 -34.99 -8.04 23.46
CA VAL A 718 -35.78 -8.30 24.66
C VAL A 718 -35.47 -9.73 25.12
N PRO A 719 -34.94 -9.93 26.32
CA PRO A 719 -34.76 -11.29 26.83
C PRO A 719 -36.06 -12.06 26.75
N PRO A 720 -36.04 -13.31 26.29
CA PRO A 720 -37.28 -14.10 26.26
C PRO A 720 -37.77 -14.39 27.67
N ALA A 721 -39.07 -14.58 27.79
CA ALA A 721 -39.66 -14.87 29.11
C ALA A 721 -39.24 -16.26 29.56
N PRO A 722 -38.61 -16.41 30.72
CA PRO A 722 -38.18 -17.76 31.13
C PRO A 722 -39.36 -18.64 31.53
N VAL A 723 -40.16 -19.02 30.54
CA VAL A 723 -41.41 -19.75 30.78
C VAL A 723 -41.26 -21.24 30.59
N GLU A 724 -40.23 -21.71 29.89
CA GLU A 724 -40.07 -23.13 29.65
C GLU A 724 -39.21 -23.74 30.75
N PRO A 725 -39.52 -24.95 31.24
CA PRO A 725 -38.68 -25.56 32.26
C PRO A 725 -37.56 -26.38 31.62
N VAL A 726 -36.65 -26.85 32.48
CA VAL A 726 -35.59 -27.77 32.04
C VAL A 726 -36.04 -29.20 32.28
N GLN A 727 -35.97 -30.03 31.23
CA GLN A 727 -36.12 -31.46 31.40
C GLN A 727 -34.78 -32.05 31.83
N VAL A 728 -34.80 -32.84 32.88
CA VAL A 728 -33.59 -33.50 33.37
C VAL A 728 -33.59 -34.94 32.85
N GLN A 729 -32.43 -35.41 32.45
CA GLN A 729 -32.29 -36.78 32.00
C GLN A 729 -30.92 -37.30 32.41
N ASP A 730 -30.76 -38.62 32.34
CA ASP A 730 -29.54 -39.26 32.81
C ASP A 730 -28.30 -38.51 32.34
N SER A 731 -28.19 -38.27 31.04
CA SER A 731 -26.99 -37.68 30.46
C SER A 731 -27.23 -36.38 29.72
N GLU A 732 -28.48 -35.97 29.53
CA GLU A 732 -28.79 -34.76 28.77
C GLU A 732 -29.79 -33.92 29.53
N LEU A 733 -29.84 -32.66 29.13
CA LEU A 733 -30.79 -31.67 29.64
C LEU A 733 -31.42 -30.98 28.45
N THR A 734 -32.73 -30.71 28.54
CA THR A 734 -33.43 -29.98 27.50
C THR A 734 -34.07 -28.73 28.11
N LEU A 735 -33.94 -27.61 27.41
CA LEU A 735 -34.59 -26.36 27.80
C LEU A 735 -35.08 -25.69 26.52
N GLY A 736 -36.37 -25.86 26.23
CA GLY A 736 -36.91 -25.42 24.97
C GLY A 736 -36.23 -26.16 23.82
N PRO A 737 -35.64 -25.42 22.88
CA PRO A 737 -34.93 -26.06 21.76
C PRO A 737 -33.45 -26.35 22.02
N VAL A 738 -32.93 -25.98 23.18
CA VAL A 738 -31.53 -26.24 23.51
C VAL A 738 -31.42 -27.58 24.22
N VAL A 739 -30.48 -28.41 23.77
CA VAL A 739 -30.13 -29.64 24.44
C VAL A 739 -28.71 -29.48 24.98
N PHE A 740 -28.54 -29.81 26.25
CA PHE A 740 -27.26 -29.66 26.94
C PHE A 740 -26.69 -31.03 27.29
N SER A 741 -25.38 -31.19 27.09
CA SER A 741 -24.68 -32.31 27.68
C SER A 741 -24.61 -32.13 29.19
N ARG A 742 -25.01 -33.15 29.94
CA ARG A 742 -24.98 -33.04 31.39
C ARG A 742 -23.56 -33.16 31.93
N ALA A 743 -22.63 -33.74 31.15
CA ALA A 743 -21.25 -33.89 31.60
C ALA A 743 -20.40 -32.65 31.37
N THR A 744 -20.73 -31.81 30.38
CA THR A 744 -19.94 -30.62 30.12
C THR A 744 -20.66 -29.32 30.42
N GLY A 745 -21.98 -29.34 30.55
CA GLY A 745 -22.75 -28.14 30.72
C GLY A 745 -22.94 -27.31 29.46
N MET A 746 -22.32 -27.66 28.34
CA MET A 746 -22.47 -26.90 27.12
CA MET A 746 -22.52 -26.85 27.16
C MET A 746 -23.57 -27.46 26.26
N PRO A 747 -24.21 -26.65 25.41
CA PRO A 747 -25.25 -27.18 24.54
C PRO A 747 -24.68 -28.08 23.46
N THR A 748 -25.45 -29.12 23.12
CA THR A 748 -25.08 -30.04 22.07
C THR A 748 -25.94 -29.89 20.82
N SER A 749 -27.04 -29.16 20.92
CA SER A 749 -27.88 -28.84 19.77
C SER A 749 -28.79 -27.72 20.19
N ILE A 750 -29.26 -26.94 19.21
CA ILE A 750 -30.12 -25.81 19.51
C ILE A 750 -31.02 -25.55 18.30
N GLY A 751 -32.29 -25.94 18.42
CA GLY A 751 -33.18 -25.88 17.28
C GLY A 751 -32.92 -26.95 16.24
N GLY A 752 -32.25 -28.04 16.62
CA GLY A 752 -31.84 -29.06 15.69
C GLY A 752 -30.43 -28.90 15.15
N VAL A 753 -29.87 -27.70 15.12
CA VAL A 753 -28.51 -27.56 14.58
C VAL A 753 -27.51 -28.05 15.63
N PRO A 754 -26.62 -28.97 15.27
CA PRO A 754 -25.71 -29.53 16.28
C PRO A 754 -24.64 -28.54 16.68
N VAL A 755 -24.34 -28.51 17.97
CA VAL A 755 -23.28 -27.70 18.53
C VAL A 755 -22.22 -28.65 19.07
N GLU A 756 -21.04 -28.63 18.46
CA GLU A 756 -19.97 -29.51 18.90
C GLU A 756 -19.20 -28.93 20.08
N LYS A 757 -19.22 -27.61 20.27
CA LYS A 757 -18.46 -26.98 21.33
C LYS A 757 -18.93 -25.55 21.50
N LEU A 758 -18.90 -25.07 22.74
CA LEU A 758 -19.14 -23.67 23.04
C LEU A 758 -18.23 -23.25 24.19
N GLY A 759 -17.58 -22.09 24.05
CA GLY A 759 -16.67 -21.65 25.10
C GLY A 759 -16.23 -20.22 24.90
N LEU A 760 -15.52 -19.72 25.92
CA LEU A 760 -14.98 -18.38 25.89
C LEU A 760 -13.72 -18.31 25.02
N THR A 761 -13.55 -17.19 24.34
CA THR A 761 -12.33 -16.90 23.59
C THR A 761 -11.69 -15.64 24.11
N LEU A 762 -10.35 -15.63 24.15
CA LEU A 762 -9.58 -14.46 24.54
C LEU A 762 -8.45 -14.14 23.57
N TRP A 763 -8.35 -14.89 22.47
CA TRP A 763 -7.16 -14.93 21.64
C TRP A 763 -7.57 -15.01 20.20
N TRP A 764 -6.71 -14.55 19.30
CA TRP A 764 -6.93 -14.73 17.88
C TRP A 764 -5.62 -15.09 17.21
N ALA A 765 -5.71 -15.60 16.00
CA ALA A 765 -4.54 -16.01 15.27
C ALA A 765 -3.71 -14.78 14.90
N PRO A 766 -2.47 -14.64 15.40
CA PRO A 766 -1.78 -13.35 15.29
C PRO A 766 -1.75 -12.80 13.88
N THR A 767 -2.03 -11.51 13.77
CA THR A 767 -1.83 -10.75 12.54
C THR A 767 -0.34 -10.54 12.31
N ASP A 768 0.01 -10.02 11.12
CA ASP A 768 1.40 -9.59 10.91
C ASP A 768 1.81 -8.56 11.95
N ASN A 769 0.91 -7.63 12.28
CA ASN A 769 1.23 -6.64 13.30
C ASN A 769 1.52 -7.29 14.65
N ASP A 770 0.72 -8.30 15.04
CA ASP A 770 0.96 -8.96 16.32
C ASP A 770 2.29 -9.67 16.36
N LEU A 771 2.93 -9.92 15.20
CA LEU A 771 4.23 -10.57 15.16
C LEU A 771 5.39 -9.58 15.25
N GLY A 772 5.11 -8.28 15.28
CA GLY A 772 6.15 -7.28 15.43
C GLY A 772 6.36 -6.88 16.88
N ARG A 773 7.54 -6.34 17.16
CA ARG A 773 7.94 -6.05 18.52
C ARG A 773 7.32 -4.76 19.01
N GLU A 774 6.79 -4.80 20.23
CA GLU A 774 6.28 -3.62 20.94
C GLU A 774 7.47 -2.89 21.56
N TRP A 775 8.10 -2.03 20.78
CA TRP A 775 9.27 -1.30 21.25
C TRP A 775 8.87 -0.38 22.41
N GLY A 776 9.80 -0.20 23.34
CA GLY A 776 9.53 0.55 24.54
C GLY A 776 9.13 -0.35 25.70
N GLY A 777 9.17 0.20 26.90
CA GLY A 777 8.96 -0.59 28.09
C GLY A 777 10.03 -1.65 28.21
N ALA A 778 9.96 -2.44 29.28
CA ALA A 778 10.88 -3.56 29.44
C ALA A 778 10.49 -4.77 28.61
N ASP A 779 9.25 -4.80 28.09
CA ASP A 779 8.74 -5.95 27.34
C ASP A 779 8.71 -5.56 25.88
N GLU A 780 9.55 -6.24 25.10
CA GLU A 780 9.57 -6.03 23.66
C GLU A 780 9.21 -7.30 22.90
N ARG A 781 8.70 -8.31 23.61
CA ARG A 781 8.13 -9.47 22.95
C ARG A 781 6.99 -9.01 22.03
N PRO A 782 6.87 -9.57 20.83
CA PRO A 782 5.64 -9.34 20.07
C PRO A 782 4.44 -9.87 20.85
N LEU A 783 3.30 -9.21 20.64
CA LEU A 783 2.07 -9.64 21.31
C LEU A 783 1.79 -11.10 21.05
N ALA A 784 2.06 -11.58 19.85
CA ALA A 784 1.88 -13.00 19.56
C ALA A 784 2.67 -13.86 20.52
N THR A 785 3.90 -13.44 20.83
CA THR A 785 4.73 -14.19 21.78
C THR A 785 4.22 -14.02 23.21
N GLN A 786 3.84 -12.79 23.60
CA GLN A 786 3.22 -12.61 24.91
C GLN A 786 2.05 -13.57 25.08
N TRP A 787 1.20 -13.65 24.06
CA TRP A 787 0.05 -14.54 24.11
C TRP A 787 0.48 -16.00 24.27
N LYS A 788 1.41 -16.44 23.43
CA LYS A 788 1.89 -17.82 23.48
C LYS A 788 2.46 -18.14 24.86
N ASP A 789 3.33 -17.26 25.38
CA ASP A 789 3.89 -17.47 26.71
C ASP A 789 2.81 -17.56 27.77
N ALA A 790 1.70 -16.85 27.57
CA ALA A 790 0.63 -16.78 28.57
C ALA A 790 -0.37 -17.92 28.46
N GLY A 791 -0.34 -18.68 27.37
CA GLY A 791 -1.25 -19.79 27.19
C GLY A 791 -2.57 -19.42 26.56
N LEU A 792 -2.72 -18.18 26.09
CA LEU A 792 -4.00 -17.75 25.55
C LEU A 792 -4.44 -18.56 24.35
N ASN A 793 -3.50 -19.15 23.62
CA ASN A 793 -3.80 -19.99 22.47
C ASN A 793 -4.29 -21.37 22.85
N ARG A 794 -4.20 -21.75 24.12
CA ARG A 794 -4.49 -23.11 24.56
C ARG A 794 -5.29 -23.09 25.86
N LEU A 795 -6.43 -22.39 25.82
CA LEU A 795 -7.25 -22.28 27.01
C LEU A 795 -7.98 -23.59 27.28
N HIS A 796 -8.25 -23.83 28.55
CA HIS A 796 -9.01 -24.99 28.98
C HIS A 796 -10.06 -24.55 29.97
N THR A 797 -11.14 -25.32 30.03
CA THR A 797 -12.32 -24.96 30.81
C THR A 797 -12.62 -26.09 31.79
N ARG A 798 -12.83 -25.72 33.05
CA ARG A 798 -13.27 -26.65 34.08
C ARG A 798 -14.71 -26.33 34.46
N LEU A 799 -15.52 -27.36 34.56
CA LEU A 799 -16.93 -27.21 34.93
C LEU A 799 -17.03 -27.19 36.44
N LEU A 800 -17.67 -26.16 36.98
CA LEU A 800 -17.84 -26.01 38.41
C LEU A 800 -19.21 -26.47 38.90
N GLY A 801 -20.25 -26.19 38.14
CA GLY A 801 -21.57 -26.67 38.51
C GLY A 801 -22.60 -26.33 37.47
N ILE A 802 -23.73 -27.03 37.56
CA ILE A 802 -24.90 -26.78 36.72
C ILE A 802 -26.11 -26.79 37.65
N SER A 803 -26.90 -25.73 37.62
CA SER A 803 -28.10 -25.68 38.44
C SER A 803 -29.21 -24.94 37.71
N ALA A 804 -30.45 -25.35 37.99
CA ALA A 804 -31.62 -24.69 37.45
C ALA A 804 -32.27 -23.84 38.54
N ASN A 805 -32.92 -22.76 38.13
CA ASN A 805 -33.41 -21.77 39.07
C ASN A 805 -34.79 -21.28 38.64
N PRO A 806 -35.59 -20.79 39.59
CA PRO A 806 -36.98 -20.43 39.27
C PRO A 806 -37.06 -19.31 38.23
N GLY A 807 -37.76 -19.59 37.15
CA GLY A 807 -38.04 -18.60 36.13
C GLY A 807 -39.43 -18.01 36.29
N GLN A 808 -40.30 -18.24 35.32
CA GLN A 808 -41.58 -17.57 35.24
C GLN A 808 -42.70 -18.56 34.92
N ASP A 809 -43.77 -18.52 35.71
CA ASP A 809 -44.95 -19.35 35.47
C ASP A 809 -44.56 -20.81 35.25
N GLY A 810 -43.72 -21.31 36.16
CA GLY A 810 -43.26 -22.68 36.11
C GLY A 810 -41.95 -22.88 35.37
N GLY A 811 -41.54 -21.96 34.52
CA GLY A 811 -40.30 -22.10 33.79
C GLY A 811 -39.10 -21.93 34.71
N GLU A 812 -37.91 -22.06 34.11
CA GLU A 812 -36.68 -21.89 34.88
C GLU A 812 -35.54 -21.55 33.95
N THR A 813 -34.54 -20.91 34.52
CA THR A 813 -33.28 -20.68 33.83
C THR A 813 -32.31 -21.78 34.21
N LEU A 814 -31.30 -21.96 33.38
CA LEU A 814 -30.23 -22.92 33.61
C LEU A 814 -28.92 -22.14 33.68
N THR A 815 -28.22 -22.26 34.81
CA THR A 815 -26.93 -21.60 34.98
C THR A 815 -25.83 -22.65 34.95
N VAL A 816 -24.84 -22.43 34.09
CA VAL A 816 -23.65 -23.26 33.98
C VAL A 816 -22.45 -22.42 34.40
N ARG A 817 -21.74 -22.88 35.43
CA ARG A 817 -20.58 -22.17 35.95
C ARG A 817 -19.31 -22.89 35.50
N THR A 818 -18.40 -22.14 34.89
CA THR A 818 -17.12 -22.69 34.43
C THR A 818 -15.99 -21.78 34.86
N ARG A 819 -14.77 -22.31 34.79
CA ARG A 819 -13.57 -21.51 34.95
C ARG A 819 -12.65 -21.80 33.77
N VAL A 820 -12.10 -20.75 33.18
CA VAL A 820 -11.25 -20.84 32.01
C VAL A 820 -9.85 -20.41 32.40
N SER A 821 -8.86 -21.19 32.03
CA SER A 821 -7.47 -20.93 32.33
C SER A 821 -6.62 -21.61 31.28
N ALA A 822 -5.34 -21.81 31.56
CA ALA A 822 -4.46 -22.57 30.68
C ALA A 822 -3.48 -23.35 31.54
N ALA A 823 -2.96 -24.44 30.97
CA ALA A 823 -2.04 -25.29 31.72
C ALA A 823 -0.87 -24.48 32.27
N ASP A 824 -0.52 -24.76 33.51
CA ASP A 824 0.63 -24.17 34.21
C ASP A 824 0.41 -22.73 34.65
N LYS A 825 -0.79 -22.18 34.47
CA LYS A 825 -1.10 -20.81 34.85
C LYS A 825 -2.06 -20.80 36.03
N GLN A 826 -1.88 -19.83 36.93
CA GLN A 826 -2.75 -19.67 38.08
C GLN A 826 -3.89 -18.70 37.82
N TYR A 827 -3.74 -17.79 36.88
CA TYR A 827 -4.80 -16.84 36.57
C TYR A 827 -5.88 -17.50 35.72
N GLY A 828 -7.11 -17.01 35.88
CA GLY A 828 -8.23 -17.53 35.11
C GLY A 828 -9.35 -16.50 35.09
N VAL A 829 -10.43 -16.87 34.42
CA VAL A 829 -11.67 -16.10 34.46
C VAL A 829 -12.81 -17.06 34.80
N LEU A 830 -13.65 -16.66 35.73
CA LEU A 830 -14.88 -17.41 35.98
C LEU A 830 -15.92 -16.99 34.97
N VAL A 831 -16.55 -17.96 34.31
CA VAL A 831 -17.57 -17.71 33.30
C VAL A 831 -18.85 -18.42 33.70
N ASP A 832 -19.95 -17.66 33.77
CA ASP A 832 -21.28 -18.19 34.06
C ASP A 832 -22.19 -17.95 32.87
N TYR A 833 -22.76 -19.03 32.33
CA TYR A 833 -23.78 -18.95 31.30
C TYR A 833 -25.15 -19.13 31.94
N THR A 834 -26.04 -18.17 31.73
CA THR A 834 -27.43 -18.27 32.20
C THR A 834 -28.33 -18.35 30.98
N TRP A 835 -29.04 -19.47 30.85
CA TRP A 835 -29.88 -19.74 29.70
C TRP A 835 -31.35 -19.53 30.05
N SER A 836 -32.10 -18.96 29.10
CA SER A 836 -33.51 -18.70 29.24
C SER A 836 -34.20 -18.97 27.91
N THR A 837 -35.45 -19.41 27.97
CA THR A 837 -36.19 -19.66 26.74
C THR A 837 -37.68 -19.61 26.99
N ASP A 838 -38.41 -19.07 26.02
CA ASP A 838 -39.86 -19.19 26.01
C ASP A 838 -40.35 -20.22 25.00
N GLY A 839 -39.47 -21.14 24.59
CA GLY A 839 -39.77 -22.11 23.57
C GLY A 839 -39.39 -21.66 22.17
N GLU A 840 -39.41 -20.36 21.90
CA GLU A 840 -39.10 -19.82 20.58
C GLU A 840 -37.73 -19.15 20.53
N THR A 841 -37.43 -18.25 21.47
CA THR A 841 -36.15 -17.59 21.53
C THR A 841 -35.37 -18.08 22.73
N VAL A 842 -34.04 -18.09 22.59
CA VAL A 842 -33.13 -18.52 23.63
C VAL A 842 -32.37 -17.29 24.13
N GLY A 843 -32.48 -17.01 25.43
CA GLY A 843 -31.72 -15.94 26.05
C GLY A 843 -30.45 -16.49 26.67
N LEU A 844 -29.33 -15.85 26.35
CA LEU A 844 -28.03 -16.24 26.89
C LEU A 844 -27.35 -15.04 27.51
N ARG A 845 -27.20 -15.06 28.83
CA ARG A 845 -26.36 -14.09 29.52
C ARG A 845 -25.03 -14.75 29.83
N THR A 846 -23.94 -14.04 29.52
CA THR A 846 -22.59 -14.49 29.82
C THR A 846 -21.94 -13.50 30.77
N GLN A 847 -21.29 -14.02 31.81
CA GLN A 847 -20.69 -13.18 32.83
C GLN A 847 -19.26 -13.65 33.07
N VAL A 848 -18.31 -12.72 32.92
CA VAL A 848 -16.88 -13.01 32.98
C VAL A 848 -16.30 -12.27 34.18
N ARG A 849 -15.49 -12.97 34.97
CA ARG A 849 -14.90 -12.37 36.16
C ARG A 849 -13.47 -12.87 36.34
N ARG A 850 -12.53 -11.95 36.48
CA ARG A 850 -11.13 -12.30 36.70
C ARG A 850 -10.94 -12.96 38.05
N ASP A 851 -10.10 -14.01 38.06
CA ASP A 851 -9.73 -14.74 39.27
C ASP A 851 -8.21 -14.81 39.31
N GLY A 852 -7.59 -13.97 40.14
CA GLY A 852 -6.14 -13.82 40.14
C GLY A 852 -5.66 -12.89 39.03
N THR A 853 -4.46 -12.34 39.24
CA THR A 853 -3.95 -11.31 38.35
C THR A 853 -3.41 -11.93 37.07
N TRP A 854 -3.82 -11.39 35.93
CA TRP A 854 -3.38 -11.90 34.63
C TRP A 854 -2.01 -11.29 34.33
N VAL A 855 -1.00 -11.83 35.02
CA VAL A 855 0.39 -11.42 34.82
C VAL A 855 1.23 -12.66 34.54
N ASN A 856 2.18 -12.54 33.60
CA ASN A 856 2.99 -13.67 33.18
C ASN A 856 4.35 -13.15 32.74
N ARG A 857 5.42 -13.86 33.12
CA ARG A 857 6.78 -13.42 32.79
C ARG A 857 7.03 -12.00 33.28
N GLY A 858 6.31 -11.61 34.34
CA GLY A 858 6.48 -10.28 34.91
C GLY A 858 5.73 -9.18 34.19
N PHE A 859 4.89 -9.48 33.20
CA PHE A 859 4.16 -8.44 32.51
C PHE A 859 2.68 -8.79 32.40
N GLU A 860 1.87 -7.74 32.41
CA GLU A 860 0.43 -7.88 32.23
C GLU A 860 0.09 -8.55 30.91
N VAL A 861 -0.78 -9.55 30.96
CA VAL A 861 -1.29 -10.18 29.75
C VAL A 861 -2.41 -9.33 29.19
N GLU A 862 -2.36 -9.05 27.90
CA GLU A 862 -3.48 -8.42 27.22
C GLU A 862 -4.28 -9.47 26.49
N TRP A 863 -5.55 -9.16 26.27
CA TRP A 863 -6.45 -10.02 25.52
C TRP A 863 -6.65 -9.49 24.09
N ALA A 864 -6.90 -10.42 23.18
CA ALA A 864 -7.34 -10.08 21.84
C ALA A 864 -8.83 -9.76 21.79
N ARG A 865 -9.61 -10.34 22.69
CA ARG A 865 -11.07 -10.33 22.59
C ARG A 865 -11.66 -10.83 23.89
N ILE A 866 -12.94 -10.51 24.08
CA ILE A 866 -13.81 -11.19 25.04
C ILE A 866 -15.01 -11.63 24.22
N GLY A 867 -15.07 -12.92 23.90
CA GLY A 867 -16.20 -13.41 23.12
C GLY A 867 -16.53 -14.87 23.32
N LEU A 868 -17.39 -15.40 22.45
CA LEU A 868 -17.76 -16.80 22.44
C LEU A 868 -17.42 -17.43 21.09
N GLU A 869 -17.06 -18.70 21.14
CA GLU A 869 -16.85 -19.50 19.93
C GLU A 869 -17.91 -20.60 19.92
N PHE A 870 -18.81 -20.56 18.94
CA PHE A 870 -19.72 -21.65 18.66
C PHE A 870 -19.12 -22.49 17.54
N VAL A 871 -18.96 -23.78 17.77
CA VAL A 871 -18.53 -24.72 16.75
C VAL A 871 -19.75 -25.55 16.39
N LEU A 872 -20.25 -25.37 15.17
CA LEU A 872 -21.47 -26.03 14.72
C LEU A 872 -21.11 -27.19 13.80
N GLY A 873 -21.83 -28.30 13.97
CA GLY A 873 -21.55 -29.51 13.22
C GLY A 873 -22.13 -29.53 11.82
N GLU A 874 -22.33 -28.35 11.22
CA GLU A 874 -22.86 -28.26 9.87
C GLU A 874 -22.24 -27.05 9.18
N GLU A 875 -22.25 -27.08 7.85
CA GLU A 875 -21.63 -26.03 7.06
C GLU A 875 -22.57 -24.85 6.88
N THR A 876 -21.99 -23.66 6.77
CA THR A 876 -22.73 -22.44 6.52
C THR A 876 -22.52 -22.01 5.07
N GLU A 877 -23.63 -21.74 4.37
CA GLU A 877 -23.55 -21.26 3.00
C GLU A 877 -23.62 -19.74 2.91
N LEU A 878 -24.30 -19.08 3.85
CA LEU A 878 -24.61 -17.67 3.72
C LEU A 878 -24.60 -17.02 5.10
N VAL A 879 -24.07 -15.80 5.15
CA VAL A 879 -24.00 -15.01 6.37
C VAL A 879 -24.59 -13.64 6.07
N SER A 880 -25.63 -13.26 6.82
CA SER A 880 -26.20 -11.94 6.74
C SER A 880 -26.16 -11.28 8.11
N TRP A 881 -26.13 -9.95 8.11
CA TRP A 881 -26.06 -9.22 9.37
C TRP A 881 -26.53 -7.78 9.15
N PHE A 882 -26.89 -7.13 10.25
CA PHE A 882 -27.08 -5.69 10.27
C PHE A 882 -26.01 -5.08 11.17
N GLY A 883 -25.25 -4.16 10.62
CA GLY A 883 -24.16 -3.55 11.36
C GLY A 883 -23.30 -2.72 10.42
N GLN A 884 -22.02 -3.05 10.33
CA GLN A 884 -21.08 -2.34 9.46
C GLN A 884 -20.58 -3.25 8.36
N GLY A 885 -20.42 -2.72 7.16
CA GLY A 885 -19.91 -3.51 6.07
C GLY A 885 -19.74 -2.80 4.75
N PRO A 886 -19.58 -3.57 3.67
CA PRO A 886 -19.60 -5.05 3.69
C PRO A 886 -18.32 -5.71 4.21
N HIS A 887 -17.20 -5.00 4.23
CA HIS A 887 -15.92 -5.61 4.55
C HIS A 887 -15.66 -5.56 6.05
N GLN A 888 -14.53 -6.13 6.47
CA GLN A 888 -14.22 -6.32 7.88
C GLN A 888 -14.08 -4.99 8.60
N SER A 889 -14.17 -5.04 9.92
CA SER A 889 -13.92 -3.86 10.76
C SER A 889 -13.46 -4.28 12.14
N TYR A 890 -12.42 -3.62 12.62
CA TYR A 890 -11.86 -3.78 13.95
C TYR A 890 -11.82 -2.41 14.61
N PRO A 891 -11.68 -2.37 15.94
CA PRO A 891 -11.88 -1.10 16.66
C PRO A 891 -11.10 0.09 16.10
N ASP A 892 -9.91 -0.10 15.56
CA ASP A 892 -9.12 1.01 15.02
C ASP A 892 -9.06 0.98 13.49
N THR A 893 -9.99 0.27 12.87
CA THR A 893 -10.12 0.25 11.42
C THR A 893 -11.60 0.33 11.05
N GLY A 894 -11.97 -0.20 9.89
CA GLY A 894 -13.36 -0.21 9.44
C GLY A 894 -13.97 1.14 9.12
N GLN A 895 -13.16 2.19 8.97
CA GLN A 895 -13.71 3.50 8.61
C GLN A 895 -14.58 3.42 7.36
N GLY A 896 -14.18 2.57 6.40
CA GLY A 896 -14.94 2.43 5.16
C GLY A 896 -16.15 1.52 5.26
N ALA A 897 -16.24 0.70 6.31
CA ALA A 897 -17.43 -0.10 6.51
C ALA A 897 -18.56 0.82 6.94
N ARG A 898 -19.63 0.86 6.16
CA ARG A 898 -20.74 1.73 6.49
C ARG A 898 -21.87 0.94 7.14
N ALA A 899 -22.76 1.66 7.80
CA ALA A 899 -23.93 1.03 8.42
C ALA A 899 -24.88 0.53 7.34
N GLY A 900 -25.44 -0.66 7.56
CA GLY A 900 -26.39 -1.18 6.61
C GLY A 900 -26.70 -2.65 6.87
N TRP A 901 -27.43 -3.23 5.92
CA TRP A 901 -27.76 -4.65 5.91
C TRP A 901 -26.90 -5.34 4.86
N PHE A 902 -26.27 -6.45 5.24
CA PHE A 902 -25.33 -7.12 4.37
C PHE A 902 -25.60 -8.62 4.36
N SER A 903 -25.19 -9.25 3.26
CA SER A 903 -25.31 -10.70 3.11
C SER A 903 -24.26 -11.16 2.12
N LEU A 904 -23.48 -12.15 2.53
CA LEU A 904 -22.40 -12.68 1.72
C LEU A 904 -22.34 -14.20 1.83
N PRO A 905 -21.90 -14.89 0.78
CA PRO A 905 -21.55 -16.30 0.93
C PRO A 905 -20.34 -16.45 1.84
N LEU A 906 -20.27 -17.59 2.52
CA LEU A 906 -19.24 -17.77 3.54
C LEU A 906 -17.84 -17.53 2.99
N ALA A 907 -17.55 -18.04 1.79
CA ALA A 907 -16.21 -17.88 1.23
C ALA A 907 -15.79 -16.42 1.18
N LYS A 908 -16.75 -15.51 1.01
CA LYS A 908 -16.47 -14.10 0.81
C LYS A 908 -16.51 -13.30 2.10
N MET A 909 -16.68 -13.96 3.24
CA MET A 909 -16.45 -13.33 4.53
C MET A 909 -14.97 -13.28 4.87
N ASP A 910 -14.17 -14.18 4.30
CA ASP A 910 -12.75 -14.29 4.57
C ASP A 910 -11.99 -13.18 3.83
N VAL A 911 -10.72 -13.00 4.18
CA VAL A 911 -9.84 -12.05 3.52
C VAL A 911 -8.60 -12.81 3.08
N GLU A 912 -8.26 -12.72 1.79
CA GLU A 912 -7.26 -13.62 1.21
C GLU A 912 -5.83 -13.11 1.40
N TYR A 913 -5.46 -12.77 2.63
CA TYR A 913 -4.07 -12.41 2.92
C TYR A 913 -3.15 -13.57 2.58
N VAL A 914 -1.94 -13.24 2.13
CA VAL A 914 -1.03 -14.26 1.63
C VAL A 914 -0.62 -15.21 2.75
N ARG A 915 -0.27 -14.65 3.92
CA ARG A 915 -0.12 -15.46 5.12
C ARG A 915 -1.44 -15.41 5.88
N PRO A 916 -2.18 -16.51 6.00
CA PRO A 916 -3.47 -16.45 6.71
C PRO A 916 -3.31 -15.98 8.14
N GLN A 917 -4.24 -15.13 8.57
CA GLN A 917 -4.17 -14.52 9.89
C GLN A 917 -5.58 -14.09 10.28
N GLU A 918 -5.73 -13.63 11.51
CA GLU A 918 -7.02 -13.11 11.96
C GLU A 918 -7.52 -12.03 11.02
N CYS A 919 -8.79 -12.15 10.64
CA CYS A 919 -9.42 -11.25 9.68
C CYS A 919 -10.87 -11.66 9.54
N GLY A 920 -11.68 -10.75 9.00
CA GLY A 920 -13.07 -11.06 8.70
C GLY A 920 -14.07 -10.71 9.78
N ALA A 921 -13.63 -10.14 10.90
CA ALA A 921 -14.58 -9.73 11.92
C ALA A 921 -15.38 -8.53 11.43
N ARG A 922 -16.69 -8.56 11.67
CA ARG A 922 -17.58 -7.45 11.38
C ARG A 922 -17.96 -6.82 12.72
N SER A 923 -17.24 -5.76 13.09
CA SER A 923 -17.55 -5.08 14.34
C SER A 923 -18.85 -4.30 14.22
N GLY A 924 -19.46 -4.02 15.37
CA GLY A 924 -20.64 -3.20 15.43
C GLY A 924 -21.89 -3.87 14.91
N SER A 925 -21.92 -5.20 14.90
CA SER A 925 -23.09 -5.91 14.42
C SER A 925 -24.17 -5.89 15.50
N ARG A 926 -25.42 -5.73 15.07
N ARG A 926 -25.41 -5.73 15.06
CA ARG A 926 -26.57 -5.82 15.96
CA ARG A 926 -26.58 -5.80 15.94
C ARG A 926 -27.37 -7.09 15.78
C ARG A 926 -27.38 -7.08 15.77
N SER A 927 -27.30 -7.72 14.61
CA SER A 927 -28.02 -8.96 14.36
C SER A 927 -27.30 -9.71 13.25
N ALA A 928 -27.51 -11.03 13.22
CA ALA A 928 -26.82 -11.87 12.28
C ALA A 928 -27.66 -13.11 11.99
N ALA A 929 -27.55 -13.60 10.77
CA ALA A 929 -28.26 -14.81 10.37
C ALA A 929 -27.31 -15.70 9.59
N LEU A 930 -27.09 -16.92 10.10
CA LEU A 930 -26.30 -17.93 9.43
C LEU A 930 -27.23 -18.94 8.82
N GLN A 931 -27.09 -19.18 7.51
CA GLN A 931 -27.91 -20.14 6.81
C GLN A 931 -27.17 -21.47 6.81
N LEU A 932 -27.57 -22.36 7.72
CA LEU A 932 -27.02 -23.72 7.78
C LEU A 932 -27.90 -24.65 6.93
N GLY A 933 -27.82 -24.45 5.62
CA GLY A 933 -28.58 -25.25 4.69
C GLY A 933 -30.07 -24.94 4.74
N GLY A 934 -30.83 -25.82 5.38
CA GLY A 934 -32.27 -25.66 5.43
C GLY A 934 -32.74 -24.81 6.58
N ARG A 935 -31.91 -24.68 7.61
CA ARG A 935 -32.25 -23.90 8.79
C ARG A 935 -31.42 -22.61 8.82
N THR A 936 -31.90 -21.66 9.63
CA THR A 936 -31.24 -20.36 9.78
C THR A 936 -31.12 -20.04 11.26
N LEU A 937 -29.91 -19.75 11.71
CA LEU A 937 -29.63 -19.36 13.08
C LEU A 937 -29.53 -17.85 13.16
N GLU A 938 -30.30 -17.25 14.09
CA GLU A 938 -30.30 -15.80 14.28
C GLU A 938 -29.69 -15.46 15.64
N ILE A 939 -28.81 -14.47 15.64
CA ILE A 939 -28.20 -13.93 16.85
C ILE A 939 -28.52 -12.45 16.94
N CYS A 940 -29.00 -12.01 18.11
CA CYS A 940 -29.17 -10.59 18.38
C CYS A 940 -28.54 -10.26 19.72
N GLY A 941 -28.27 -8.98 19.91
CA GLY A 941 -27.61 -8.51 21.13
C GLY A 941 -27.21 -7.08 20.97
N ASP A 942 -26.70 -6.51 22.07
CA ASP A 942 -26.03 -5.23 21.99
C ASP A 942 -24.85 -5.40 21.04
N PRO A 943 -24.22 -4.32 20.59
CA PRO A 943 -23.20 -4.45 19.55
C PRO A 943 -22.19 -5.54 19.85
N PHE A 944 -22.04 -6.46 18.90
CA PHE A 944 -21.02 -7.49 18.94
C PHE A 944 -20.30 -7.53 17.60
N ALA A 945 -19.11 -8.13 17.61
CA ALA A 945 -18.40 -8.41 16.37
C ALA A 945 -18.71 -9.82 15.92
N LEU A 946 -18.84 -10.01 14.60
CA LEU A 946 -19.25 -11.26 14.00
C LEU A 946 -18.15 -11.80 13.10
N THR A 947 -17.81 -13.07 13.25
CA THR A 947 -16.89 -13.77 12.37
C THR A 947 -17.41 -15.18 12.13
N VAL A 948 -17.38 -15.63 10.88
CA VAL A 948 -17.80 -16.99 10.54
C VAL A 948 -16.78 -17.59 9.60
N ARG A 949 -16.29 -18.78 9.94
CA ARG A 949 -15.24 -19.45 9.20
C ARG A 949 -15.58 -20.92 9.04
N PRO A 950 -15.01 -21.58 8.03
CA PRO A 950 -15.12 -23.05 7.92
C PRO A 950 -13.92 -23.82 8.45
N TYR A 951 -13.03 -23.18 9.20
CA TYR A 951 -11.88 -23.84 9.81
C TYR A 951 -11.61 -23.16 11.13
N SER A 952 -10.87 -23.86 12.00
CA SER A 952 -10.64 -23.39 13.37
C SER A 952 -9.54 -22.34 13.41
N GLN A 953 -9.38 -21.74 14.59
CA GLN A 953 -8.34 -20.74 14.78
C GLN A 953 -6.96 -21.38 14.72
N ASP A 954 -6.83 -22.62 15.15
CA ASP A 954 -5.51 -23.26 15.16
C ASP A 954 -5.07 -23.59 13.73
N VAL A 955 -6.01 -23.93 12.85
CA VAL A 955 -5.67 -24.15 11.46
C VAL A 955 -5.31 -22.83 10.80
N LEU A 956 -6.02 -21.75 11.15
CA LEU A 956 -5.70 -20.44 10.62
C LEU A 956 -4.32 -19.99 11.06
N ASP A 957 -4.01 -20.13 12.36
CA ASP A 957 -2.70 -19.73 12.85
C ASP A 957 -1.60 -20.57 12.21
N ALA A 958 -1.78 -21.90 12.18
CA ALA A 958 -0.75 -22.78 11.64
C ALA A 958 -0.48 -22.51 10.16
N ALA A 959 -1.46 -22.02 9.42
CA ALA A 959 -1.31 -21.88 7.97
C ALA A 959 -0.31 -20.81 7.61
N ALA A 960 0.62 -21.14 6.71
CA ALA A 960 1.57 -20.17 6.18
C ALA A 960 1.18 -19.66 4.80
N HIS A 961 0.40 -20.43 4.06
CA HIS A 961 -0.14 -19.99 2.78
C HIS A 961 -1.60 -20.40 2.72
N ARG A 962 -2.34 -19.80 1.80
CA ARG A 962 -3.77 -20.04 1.77
C ARG A 962 -4.13 -21.49 1.47
N PRO A 963 -3.39 -22.24 0.65
CA PRO A 963 -3.72 -23.66 0.46
C PRO A 963 -3.64 -24.49 1.73
N ASP A 964 -3.03 -23.98 2.80
CA ASP A 964 -3.01 -24.67 4.08
C ASP A 964 -4.36 -24.65 4.78
N LEU A 965 -5.28 -23.79 4.35
CA LEU A 965 -6.60 -23.73 4.95
C LEU A 965 -7.48 -24.79 4.33
N LYS A 966 -8.17 -25.55 5.18
CA LYS A 966 -9.03 -26.63 4.73
CA LYS A 966 -9.04 -26.62 4.73
C LYS A 966 -10.32 -26.60 5.54
N ALA A 967 -11.45 -26.65 4.84
CA ALA A 967 -12.73 -26.71 5.53
C ALA A 967 -12.92 -28.11 6.12
N ASP A 968 -13.46 -28.17 7.33
CA ASP A 968 -13.55 -29.43 8.06
C ASP A 968 -14.99 -29.91 8.23
N GLY A 969 -15.94 -29.29 7.54
CA GLY A 969 -17.34 -29.67 7.68
C GLY A 969 -18.11 -28.90 8.73
N ARG A 970 -17.44 -28.11 9.55
CA ARG A 970 -18.08 -27.39 10.64
C ARG A 970 -18.23 -25.92 10.30
N THR A 971 -18.89 -25.20 11.21
CA THR A 971 -18.95 -23.75 11.18
C THR A 971 -18.37 -23.23 12.49
N TYR A 972 -17.42 -22.31 12.39
CA TYR A 972 -16.84 -21.66 13.56
C TYR A 972 -17.39 -20.24 13.62
N LEU A 973 -18.25 -20.00 14.61
CA LEU A 973 -18.98 -18.74 14.75
C LEU A 973 -18.45 -18.00 15.97
N TYR A 974 -17.97 -16.78 15.76
CA TYR A 974 -17.40 -15.97 16.82
C TYR A 974 -18.31 -14.77 17.07
N VAL A 975 -18.77 -14.64 18.31
CA VAL A 975 -19.55 -13.50 18.78
C VAL A 975 -18.73 -12.84 19.86
N ASP A 976 -18.20 -11.66 19.58
CA ASP A 976 -17.27 -10.97 20.47
C ASP A 976 -17.96 -9.77 21.12
N HIS A 977 -17.95 -9.74 22.44
CA HIS A 977 -18.40 -8.55 23.15
C HIS A 977 -17.34 -7.44 23.12
N ALA A 978 -16.07 -7.78 23.02
CA ALA A 978 -15.00 -6.79 22.93
C ALA A 978 -13.90 -7.32 22.02
N LEU A 979 -13.24 -6.39 21.33
CA LEU A 979 -12.12 -6.69 20.45
C LEU A 979 -11.00 -5.70 20.69
N ARG A 980 -9.78 -6.20 20.55
CA ARG A 980 -8.58 -5.39 20.49
C ARG A 980 -8.46 -4.71 19.12
N GLY A 981 -7.73 -3.62 19.07
CA GLY A 981 -7.33 -3.05 17.79
C GLY A 981 -6.22 -3.87 17.13
N VAL A 982 -5.90 -3.51 15.90
CA VAL A 982 -4.87 -4.21 15.14
C VAL A 982 -3.60 -3.38 14.96
N GLY A 983 -3.66 -2.05 15.04
CA GLY A 983 -2.46 -1.21 15.03
C GLY A 983 -1.65 -1.36 13.75
N THR A 984 -0.36 -1.02 13.84
CA THR A 984 0.61 -1.16 12.74
C THR A 984 1.98 -1.61 13.28
N ALA A 985 1.98 -2.52 14.27
CA ALA A 985 3.22 -2.88 14.96
C ALA A 985 4.20 -3.65 14.09
N ALA A 986 3.80 -4.20 12.95
CA ALA A 986 4.80 -4.83 12.10
C ALA A 986 5.90 -3.84 11.71
N CYS A 987 5.56 -2.56 11.65
CA CYS A 987 6.51 -1.49 11.41
C CYS A 987 5.87 -0.15 11.74
N GLY A 988 6.25 0.44 12.86
CA GLY A 988 5.59 1.63 13.35
C GLY A 988 4.80 1.39 14.63
N PRO A 989 3.87 2.30 14.91
CA PRO A 989 3.12 2.22 16.19
C PRO A 989 2.28 0.95 16.32
N GLY A 990 2.24 0.44 17.54
CA GLY A 990 1.28 -0.58 17.90
C GLY A 990 -0.11 -0.02 18.09
N VAL A 991 -0.97 -0.83 18.69
CA VAL A 991 -2.34 -0.41 18.95
C VAL A 991 -2.33 0.77 19.90
N LEU A 992 -3.06 1.82 19.54
CA LEU A 992 -3.18 2.99 20.40
C LEU A 992 -3.91 2.62 21.70
N GLU A 993 -3.58 3.37 22.76
CA GLU A 993 -4.06 3.07 24.11
C GLU A 993 -5.57 2.83 24.13
N GLN A 994 -6.35 3.72 23.52
CA GLN A 994 -7.80 3.63 23.58
C GLN A 994 -8.35 2.34 22.95
N TYR A 995 -7.54 1.62 22.17
CA TYR A 995 -8.02 0.42 21.49
C TYR A 995 -7.42 -0.85 22.07
N ARG A 996 -6.56 -0.76 23.06
CA ARG A 996 -6.01 -1.96 23.67
C ARG A 996 -7.07 -2.62 24.56
N LEU A 997 -6.89 -3.91 24.80
CA LEU A 997 -7.86 -4.68 25.59
C LEU A 997 -7.13 -5.30 26.78
N LYS A 998 -7.19 -4.64 27.96
CA LYS A 998 -6.61 -5.23 29.16
C LYS A 998 -7.64 -6.13 29.86
N PRO A 999 -7.19 -7.15 30.60
CA PRO A 999 -8.15 -8.02 31.31
C PRO A 999 -9.12 -7.22 32.15
N ARG A 1000 -10.39 -7.59 32.09
CA ARG A 1000 -11.41 -6.93 32.89
C ARG A 1000 -12.57 -7.88 33.08
N ASP A 1001 -13.46 -7.50 34.01
CA ASP A 1001 -14.73 -8.18 34.18
C ASP A 1001 -15.74 -7.64 33.17
N ALA A 1002 -16.69 -8.49 32.80
CA ALA A 1002 -17.60 -8.12 31.72
C ALA A 1002 -18.80 -9.04 31.73
N ASP A 1003 -19.95 -8.47 31.38
CA ASP A 1003 -21.18 -9.23 31.24
C ASP A 1003 -21.90 -8.76 29.99
N PHE A 1004 -22.51 -9.70 29.27
CA PHE A 1004 -23.21 -9.33 28.05
C PHE A 1004 -24.25 -10.38 27.72
N ILE A 1005 -25.29 -9.95 27.01
CA ILE A 1005 -26.47 -10.75 26.75
C ILE A 1005 -26.63 -10.96 25.25
N LEU A 1006 -27.17 -12.13 24.89
CA LEU A 1006 -27.49 -12.47 23.52
C LEU A 1006 -28.85 -13.14 23.48
N THR A 1007 -29.50 -13.07 22.32
CA THR A 1007 -30.65 -13.89 22.02
C THR A 1007 -30.35 -14.75 20.78
N LEU A 1008 -30.90 -15.96 20.78
CA LEU A 1008 -30.68 -16.91 19.71
C LEU A 1008 -32.00 -17.52 19.29
N LYS A 1009 -32.10 -17.86 18.01
CA LYS A 1009 -33.35 -18.34 17.45
C LYS A 1009 -33.04 -19.11 16.17
N VAL A 1010 -33.65 -20.28 16.02
CA VAL A 1010 -33.48 -21.10 14.84
C VAL A 1010 -34.82 -21.15 14.12
N ARG A 1011 -34.87 -20.52 12.94
CA ARG A 1011 -36.05 -20.50 12.08
C ARG A 1011 -35.81 -21.47 10.93
N SER A 1012 -36.54 -22.57 10.92
CA SER A 1012 -36.38 -23.57 9.87
C SER A 1012 -37.19 -23.15 8.63
#